data_6KXR
#
_entry.id   6KXR
#
_cell.length_a   97.09
_cell.length_b   101.58
_cell.length_c   117.42
_cell.angle_alpha   90.0
_cell.angle_beta   90.0
_cell.angle_gamma   90.0
#
_symmetry.space_group_name_H-M   'P 21 21 21'
#
loop_
_entity.id
_entity.type
_entity.pdbx_description
1 polymer 'Putative hydrolase'
2 non-polymer D-MALATE
3 water water
#
_entity_poly.entity_id   1
_entity_poly.type   'polypeptide(L)'
_entity_poly.pdbx_seq_one_letter_code
;MGSSHHHHHHSSGLVPRGSHMLALGTGATALAVTGSPAAAHPGPHPGPVPSDRELARSLPGGFRSRHARVGGVRLHYVSG
GHGEPLLLVPGWPQTWWAYRKVMPQLARRYHVIAVDLRGMGGSDKPAGGYDKKTMAADLHALVRGLGHRQVNVAGHDIGS
MVAFAFAANHPEATRKVALLDTPHPDQSEYEMRILCRPGTGTTLWWWAFNQLQALPEQLMHGRMRHVIDWLYANSLADQS
LVGDLDRDIYANAYNSPQAVRAGTRWYQACHQDITDQAGYGKLTMPVLGIGGNFTFEDLRNKLTAQATDVHMVRASKSVH
YLPEEEPDVVAGALLDFFG
;
_entity_poly.pdbx_strand_id   A,B,C,D
#
loop_
_chem_comp.id
_chem_comp.type
_chem_comp.name
_chem_comp.formula
MLT non-polymer D-MALATE 'C4 H6 O5'
#
# COMPACT_ATOMS: atom_id res chain seq x y z
N GLY A 47 -9.63 9.73 -19.86
CA GLY A 47 -10.10 8.72 -18.93
C GLY A 47 -10.22 7.31 -19.50
N PRO A 48 -11.43 6.75 -19.50
CA PRO A 48 -11.62 5.36 -19.94
C PRO A 48 -11.28 5.12 -21.41
N VAL A 49 -10.84 3.90 -21.70
CA VAL A 49 -10.46 3.49 -23.04
C VAL A 49 -11.54 2.54 -23.60
N PRO A 50 -11.42 2.18 -24.87
CA PRO A 50 -12.34 1.22 -25.47
C PRO A 50 -12.24 -0.20 -24.86
N SER A 51 -13.34 -0.95 -24.90
CA SER A 51 -13.34 -2.32 -24.41
C SER A 51 -12.64 -3.23 -25.41
N ASP A 52 -12.20 -4.40 -24.95
CA ASP A 52 -11.59 -5.39 -25.83
C ASP A 52 -12.53 -5.79 -26.99
N ARG A 53 -13.84 -5.82 -26.76
CA ARG A 53 -14.78 -6.14 -27.84
C ARG A 53 -14.80 -5.03 -28.88
N GLU A 54 -14.82 -3.80 -28.41
CA GLU A 54 -14.72 -2.65 -29.28
C GLU A 54 -13.39 -2.65 -30.01
N LEU A 55 -12.30 -2.87 -29.27
CA LEU A 55 -10.96 -2.88 -29.87
C LEU A 55 -10.85 -3.94 -30.96
N ALA A 56 -11.45 -5.11 -30.73
CA ALA A 56 -11.34 -6.21 -31.68
C ALA A 56 -12.15 -5.95 -32.94
N ARG A 57 -13.30 -5.29 -32.77
CA ARG A 57 -14.18 -5.02 -33.90
C ARG A 57 -13.65 -3.87 -34.74
N SER A 58 -12.75 -3.08 -34.15
CA SER A 58 -12.16 -1.95 -34.86
C SER A 58 -11.11 -2.42 -35.86
N LEU A 59 -10.65 -3.65 -35.72
CA LEU A 59 -9.66 -4.17 -36.65
C LEU A 59 -10.33 -4.68 -37.91
N PRO A 60 -9.65 -4.56 -39.04
CA PRO A 60 -9.99 -5.40 -40.19
C PRO A 60 -9.25 -6.73 -40.04
N GLY A 61 -9.86 -7.88 -40.32
CA GLY A 61 -11.26 -8.03 -40.57
C GLY A 61 -11.72 -9.29 -39.87
N GLY A 62 -12.73 -9.16 -39.02
CA GLY A 62 -13.41 -10.31 -38.48
C GLY A 62 -12.89 -10.82 -37.17
N PHE A 63 -12.32 -9.93 -36.37
CA PHE A 63 -11.87 -10.34 -35.05
C PHE A 63 -12.95 -10.19 -34.00
N ARG A 64 -13.11 -11.22 -33.17
CA ARG A 64 -14.07 -11.16 -32.10
C ARG A 64 -13.32 -11.38 -30.78
N SER A 65 -13.76 -10.71 -29.73
CA SER A 65 -13.15 -10.78 -28.41
C SER A 65 -13.78 -11.92 -27.61
N ARG A 66 -12.98 -12.87 -27.12
CA ARG A 66 -13.53 -14.09 -26.51
C ARG A 66 -12.94 -14.54 -25.17
N HIS A 67 -13.56 -15.56 -24.58
CA HIS A 67 -13.04 -16.12 -23.33
C HIS A 67 -13.13 -17.63 -23.33
N ALA A 68 -12.21 -18.26 -22.60
CA ALA A 68 -12.27 -19.69 -22.38
C ALA A 68 -11.77 -20.00 -20.98
N ARG A 69 -12.47 -20.88 -20.28
CA ARG A 69 -11.98 -21.32 -18.98
C ARG A 69 -11.12 -22.56 -19.18
N VAL A 70 -9.86 -22.49 -18.75
CA VAL A 70 -8.94 -23.62 -18.82
C VAL A 70 -8.28 -23.83 -17.47
N GLY A 71 -8.32 -25.06 -16.96
CA GLY A 71 -7.79 -25.36 -15.65
C GLY A 71 -8.33 -24.42 -14.59
N GLY A 72 -9.58 -23.99 -14.77
CA GLY A 72 -10.23 -23.11 -13.81
C GLY A 72 -9.85 -21.64 -13.93
N VAL A 73 -8.88 -21.36 -14.79
CA VAL A 73 -8.42 -20.00 -15.05
C VAL A 73 -9.05 -19.49 -16.35
N ARG A 74 -9.60 -18.28 -16.28
CA ARG A 74 -10.29 -17.71 -17.43
C ARG A 74 -9.34 -16.87 -18.28
N LEU A 75 -9.19 -17.24 -19.55
CA LEU A 75 -8.29 -16.49 -20.41
C LEU A 75 -9.08 -15.60 -21.38
N HIS A 76 -8.58 -14.40 -21.60
CA HIS A 76 -9.13 -13.56 -22.65
C HIS A 76 -8.33 -13.69 -23.92
N TYR A 77 -9.00 -13.82 -25.06
CA TYR A 77 -8.28 -13.78 -26.33
C TYR A 77 -9.13 -13.19 -27.45
N VAL A 78 -8.45 -12.79 -28.51
CA VAL A 78 -9.09 -12.23 -29.70
C VAL A 78 -8.68 -13.10 -30.87
N SER A 79 -9.65 -13.55 -31.62
CA SER A 79 -9.38 -14.44 -32.75
C SER A 79 -10.12 -14.02 -34.01
N GLY A 80 -9.62 -14.46 -35.15
CA GLY A 80 -10.20 -14.10 -36.44
C GLY A 80 -9.35 -14.69 -37.55
N GLY A 81 -9.78 -14.53 -38.78
CA GLY A 81 -9.06 -15.02 -39.93
C GLY A 81 -9.36 -16.47 -40.22
N HIS A 82 -8.72 -17.00 -41.25
CA HIS A 82 -8.94 -18.36 -41.72
C HIS A 82 -7.65 -18.99 -42.21
N GLY A 83 -7.47 -20.26 -41.86
CA GLY A 83 -6.27 -20.98 -42.19
C GLY A 83 -5.81 -21.79 -41.00
N GLU A 84 -4.55 -22.21 -41.03
CA GLU A 84 -3.96 -22.89 -39.91
C GLU A 84 -3.93 -21.96 -38.70
N PRO A 85 -4.12 -22.52 -37.50
CA PRO A 85 -4.15 -21.68 -36.30
C PRO A 85 -2.78 -21.04 -36.01
N LEU A 86 -2.80 -19.74 -35.73
CA LEU A 86 -1.59 -19.02 -35.35
C LEU A 86 -1.82 -18.40 -33.97
N LEU A 87 -1.08 -18.88 -32.99
CA LEU A 87 -1.17 -18.39 -31.62
C LEU A 87 -0.22 -17.20 -31.43
N LEU A 88 -0.70 -16.15 -30.78
CA LEU A 88 0.11 -14.95 -30.63
C LEU A 88 0.15 -14.56 -29.16
N VAL A 89 1.36 -14.56 -28.59
CA VAL A 89 1.55 -14.25 -27.17
C VAL A 89 2.39 -13.00 -26.98
N PRO A 90 1.82 -12.01 -26.27
CA PRO A 90 2.42 -10.72 -25.92
C PRO A 90 3.17 -10.72 -24.57
N GLY A 91 3.82 -9.62 -24.22
CA GLY A 91 4.57 -9.57 -22.97
C GLY A 91 4.30 -8.35 -22.11
N TRP A 92 5.27 -8.03 -21.27
CA TRP A 92 5.14 -6.96 -20.30
C TRP A 92 5.64 -5.61 -20.85
N PRO A 93 4.91 -4.52 -20.55
CA PRO A 93 3.57 -4.51 -19.97
C PRO A 93 2.56 -4.24 -21.08
N GLN A 94 2.31 -5.24 -21.91
CA GLN A 94 1.40 -4.98 -23.02
C GLN A 94 0.24 -5.96 -22.94
N THR A 95 -0.64 -5.93 -23.92
CA THR A 95 -1.72 -6.89 -24.04
C THR A 95 -1.76 -7.42 -25.46
N TRP A 96 -2.77 -8.24 -25.76
CA TRP A 96 -3.00 -8.75 -27.11
C TRP A 96 -2.99 -7.64 -28.16
N TRP A 97 -3.32 -6.43 -27.72
CA TRP A 97 -3.44 -5.25 -28.57
C TRP A 97 -2.09 -4.84 -29.17
N ALA A 98 -1.01 -5.37 -28.60
CA ALA A 98 0.32 -5.10 -29.12
C ALA A 98 0.46 -5.69 -30.53
N TYR A 99 -0.44 -6.59 -30.92
CA TYR A 99 -0.33 -7.24 -32.21
C TYR A 99 -1.26 -6.63 -33.24
N ARG A 100 -1.87 -5.50 -32.91
CA ARG A 100 -2.87 -4.87 -33.78
C ARG A 100 -2.40 -4.60 -35.21
N LYS A 101 -1.12 -4.26 -35.37
CA LYS A 101 -0.63 -3.83 -36.67
C LYS A 101 -0.39 -5.01 -37.58
N VAL A 102 -0.19 -6.19 -37.02
CA VAL A 102 0.14 -7.36 -37.83
C VAL A 102 -0.99 -8.40 -37.93
N MET A 103 -1.98 -8.34 -37.02
CA MET A 103 -3.10 -9.30 -37.07
C MET A 103 -3.90 -9.30 -38.38
N PRO A 104 -4.24 -8.12 -38.93
CA PRO A 104 -5.02 -8.13 -40.19
C PRO A 104 -4.31 -8.87 -41.32
N GLN A 105 -3.02 -8.62 -41.53
CA GLN A 105 -2.29 -9.33 -42.58
C GLN A 105 -2.27 -10.82 -42.30
N LEU A 106 -1.88 -11.18 -41.09
CA LEU A 106 -1.79 -12.58 -40.70
C LEU A 106 -3.15 -13.27 -40.85
N ALA A 107 -4.22 -12.53 -40.64
CA ALA A 107 -5.56 -13.13 -40.66
C ALA A 107 -5.96 -13.56 -42.07
N ARG A 108 -5.25 -13.06 -43.08
CA ARG A 108 -5.56 -13.41 -44.46
C ARG A 108 -5.06 -14.79 -44.79
N ARG A 109 -4.20 -15.33 -43.93
CA ARG A 109 -3.59 -16.62 -44.17
C ARG A 109 -3.82 -17.61 -43.02
N TYR A 110 -3.98 -17.10 -41.79
CA TYR A 110 -4.14 -17.97 -40.61
C TYR A 110 -5.37 -17.65 -39.77
N HIS A 111 -5.81 -18.65 -39.01
CA HIS A 111 -6.74 -18.38 -37.92
C HIS A 111 -5.95 -17.83 -36.75
N VAL A 112 -5.98 -16.51 -36.57
CA VAL A 112 -5.15 -15.88 -35.55
C VAL A 112 -5.84 -15.93 -34.18
N ILE A 113 -5.11 -16.43 -33.20
CA ILE A 113 -5.57 -16.46 -31.82
C ILE A 113 -4.60 -15.65 -30.98
N ALA A 114 -4.99 -14.43 -30.63
CA ALA A 114 -4.07 -13.57 -29.91
C ALA A 114 -4.55 -13.46 -28.50
N VAL A 115 -3.77 -14.04 -27.58
CA VAL A 115 -4.15 -14.14 -26.18
C VAL A 115 -3.62 -13.06 -25.27
N ASP A 116 -4.26 -12.97 -24.11
CA ASP A 116 -3.71 -12.34 -22.93
C ASP A 116 -3.27 -13.47 -22.02
N LEU A 117 -2.00 -13.47 -21.63
CA LEU A 117 -1.51 -14.43 -20.66
C LEU A 117 -2.30 -14.39 -19.34
N ARG A 118 -2.27 -15.51 -18.61
CA ARG A 118 -2.55 -15.49 -17.19
C ARG A 118 -1.91 -14.26 -16.56
N GLY A 119 -2.72 -13.39 -15.95
CA GLY A 119 -2.19 -12.24 -15.24
C GLY A 119 -2.21 -10.98 -16.07
N MET A 120 -2.64 -11.10 -17.33
CA MET A 120 -2.57 -10.00 -18.29
C MET A 120 -3.95 -9.53 -18.79
N GLY A 121 -4.17 -8.22 -18.81
CA GLY A 121 -5.34 -7.64 -19.42
C GLY A 121 -6.66 -8.21 -18.92
N GLY A 122 -7.41 -8.84 -19.83
CA GLY A 122 -8.74 -9.36 -19.51
C GLY A 122 -8.73 -10.74 -18.90
N SER A 123 -7.57 -11.37 -18.84
CA SER A 123 -7.43 -12.70 -18.27
C SER A 123 -7.46 -12.64 -16.75
N ASP A 124 -7.86 -13.74 -16.11
CA ASP A 124 -7.78 -13.84 -14.65
C ASP A 124 -6.37 -13.61 -14.14
N LYS A 125 -6.28 -13.21 -12.87
CA LYS A 125 -4.99 -13.05 -12.20
C LYS A 125 -4.94 -13.84 -10.91
N PRO A 126 -4.77 -15.17 -11.01
CA PRO A 126 -4.65 -16.01 -9.82
C PRO A 126 -3.38 -15.70 -9.03
N ALA A 127 -3.24 -16.37 -7.88
CA ALA A 127 -2.13 -16.07 -6.98
C ALA A 127 -0.80 -16.63 -7.46
N GLY A 128 -0.85 -17.76 -8.17
CA GLY A 128 0.35 -18.37 -8.73
C GLY A 128 0.21 -18.91 -10.13
N GLY A 129 1.24 -19.58 -10.62
CA GLY A 129 1.20 -20.20 -11.92
C GLY A 129 1.85 -19.34 -12.99
N TYR A 130 2.81 -18.51 -12.57
CA TYR A 130 3.35 -17.49 -13.45
C TYR A 130 4.71 -17.85 -14.05
N ASP A 131 5.11 -19.08 -13.80
CA ASP A 131 6.23 -19.63 -14.50
C ASP A 131 5.85 -19.90 -15.95
N LYS A 132 6.82 -19.92 -16.84
CA LYS A 132 6.53 -20.05 -18.26
C LYS A 132 5.97 -21.42 -18.63
N LYS A 133 6.33 -22.45 -17.88
CA LYS A 133 5.84 -23.80 -18.16
C LYS A 133 4.36 -23.90 -17.90
N THR A 134 3.92 -23.34 -16.78
CA THR A 134 2.50 -23.37 -16.45
C THR A 134 1.69 -22.47 -17.37
N MET A 135 2.23 -21.32 -17.76
CA MET A 135 1.49 -20.45 -18.68
C MET A 135 1.39 -21.09 -20.09
N ALA A 136 2.39 -21.89 -20.45
CA ALA A 136 2.36 -22.59 -21.73
C ALA A 136 1.28 -23.66 -21.71
N ALA A 137 1.11 -24.28 -20.55
CA ALA A 137 0.13 -25.36 -20.36
C ALA A 137 -1.27 -24.78 -20.51
N ASP A 138 -1.47 -23.61 -19.90
CA ASP A 138 -2.68 -22.82 -20.09
C ASP A 138 -3.03 -22.70 -21.56
N LEU A 139 -2.04 -22.22 -22.34
CA LEU A 139 -2.27 -21.96 -23.76
C LEU A 139 -2.45 -23.27 -24.51
N HIS A 140 -1.80 -24.31 -24.02
CA HIS A 140 -1.91 -25.64 -24.62
C HIS A 140 -3.30 -26.21 -24.39
N ALA A 141 -3.83 -26.03 -23.19
CA ALA A 141 -5.19 -26.44 -22.92
C ALA A 141 -6.20 -25.63 -23.76
N LEU A 142 -5.96 -24.32 -23.87
CA LEU A 142 -6.82 -23.41 -24.65
C LEU A 142 -6.97 -23.82 -26.11
N VAL A 143 -5.82 -23.85 -26.76
CA VAL A 143 -5.72 -24.20 -28.15
C VAL A 143 -6.33 -25.56 -28.45
N ARG A 144 -6.03 -26.57 -27.63
CA ARG A 144 -6.56 -27.92 -27.82
C ARG A 144 -8.07 -27.96 -27.62
N GLY A 145 -8.53 -27.28 -26.58
CA GLY A 145 -9.94 -27.11 -26.33
C GLY A 145 -10.68 -26.40 -27.47
N LEU A 146 -9.96 -25.62 -28.29
CA LEU A 146 -10.58 -25.03 -29.47
C LEU A 146 -10.54 -25.97 -30.67
N GLY A 147 -10.09 -27.19 -30.46
CA GLY A 147 -10.07 -28.19 -31.50
C GLY A 147 -8.84 -28.21 -32.38
N HIS A 148 -7.74 -27.63 -31.89
CA HIS A 148 -6.49 -27.59 -32.65
C HIS A 148 -5.42 -28.52 -32.07
N ARG A 149 -5.05 -29.56 -32.81
CA ARG A 149 -4.07 -30.53 -32.31
C ARG A 149 -2.68 -29.95 -32.38
N GLN A 150 -2.44 -29.19 -33.46
CA GLN A 150 -1.17 -28.51 -33.72
C GLN A 150 -1.40 -27.03 -34.05
N VAL A 151 -0.50 -26.17 -33.56
CA VAL A 151 -0.59 -24.77 -33.91
C VAL A 151 0.77 -24.15 -34.23
N ASN A 152 0.72 -23.09 -35.02
CA ASN A 152 1.82 -22.19 -35.17
C ASN A 152 1.81 -21.26 -33.98
N VAL A 153 2.99 -20.95 -33.46
CA VAL A 153 3.08 -20.15 -32.25
C VAL A 153 4.13 -19.08 -32.42
N ALA A 154 3.75 -17.84 -32.12
CA ALA A 154 4.72 -16.76 -32.01
C ALA A 154 4.51 -15.96 -30.72
N GLY A 155 5.59 -15.58 -30.07
CA GLY A 155 5.47 -14.79 -28.85
C GLY A 155 6.49 -13.66 -28.79
N HIS A 156 6.29 -12.74 -27.87
CA HIS A 156 7.15 -11.56 -27.75
C HIS A 156 7.40 -11.18 -26.27
N ASP A 157 8.64 -10.78 -25.95
CA ASP A 157 8.94 -10.44 -24.58
C ASP A 157 8.62 -11.66 -23.67
N ILE A 158 7.91 -11.45 -22.56
CA ILE A 158 7.49 -12.55 -21.72
C ILE A 158 6.74 -13.60 -22.55
N GLY A 159 5.94 -13.14 -23.50
CA GLY A 159 5.22 -14.08 -24.35
C GLY A 159 6.15 -14.91 -25.23
N SER A 160 7.38 -14.44 -25.42
CA SER A 160 8.34 -15.20 -26.19
C SER A 160 8.89 -16.38 -25.37
N MET A 161 9.10 -16.13 -24.08
CA MET A 161 9.48 -17.17 -23.17
C MET A 161 8.40 -18.24 -23.11
N VAL A 162 7.15 -17.79 -22.97
CA VAL A 162 6.02 -18.70 -23.00
C VAL A 162 5.97 -19.47 -24.33
N ALA A 163 6.13 -18.78 -25.45
CA ALA A 163 6.16 -19.47 -26.73
C ALA A 163 7.17 -20.62 -26.70
N PHE A 164 8.39 -20.30 -26.28
CA PHE A 164 9.48 -21.26 -26.23
C PHE A 164 9.12 -22.42 -25.31
N ALA A 165 8.57 -22.10 -24.14
CA ALA A 165 8.19 -23.13 -23.18
C ALA A 165 7.13 -24.07 -23.76
N PHE A 166 6.24 -23.51 -24.58
CA PHE A 166 5.17 -24.23 -25.25
C PHE A 166 5.73 -25.30 -26.18
N ALA A 167 6.78 -24.92 -26.93
CA ALA A 167 7.44 -25.84 -27.85
C ALA A 167 8.23 -26.90 -27.07
N ALA A 168 8.84 -26.47 -25.97
CA ALA A 168 9.69 -27.36 -25.19
C ALA A 168 8.85 -28.40 -24.46
N ASN A 169 7.66 -28.02 -24.01
CA ASN A 169 6.79 -28.94 -23.27
C ASN A 169 5.75 -29.67 -24.10
N HIS A 170 5.46 -29.18 -25.29
CA HIS A 170 4.39 -29.75 -26.11
C HIS A 170 4.76 -29.75 -27.58
N PRO A 171 5.87 -30.41 -27.92
CA PRO A 171 6.37 -30.39 -29.30
C PRO A 171 5.37 -30.99 -30.29
N GLU A 172 4.53 -31.90 -29.81
CA GLU A 172 3.52 -32.53 -30.66
C GLU A 172 2.42 -31.54 -31.02
N ALA A 173 2.25 -30.51 -30.21
CA ALA A 173 1.22 -29.50 -30.43
C ALA A 173 1.80 -28.23 -31.08
N THR A 174 3.08 -28.28 -31.43
CA THR A 174 3.74 -27.12 -31.97
C THR A 174 4.18 -27.40 -33.41
N ARG A 175 3.48 -26.83 -34.38
CA ARG A 175 3.87 -26.92 -35.77
C ARG A 175 5.24 -26.27 -35.96
N LYS A 176 5.29 -24.96 -35.72
CA LYS A 176 6.55 -24.21 -35.68
C LYS A 176 6.43 -23.15 -34.62
N VAL A 177 7.55 -22.53 -34.25
CA VAL A 177 7.55 -21.50 -33.22
C VAL A 177 8.42 -20.32 -33.64
N ALA A 178 7.93 -19.11 -33.39
CA ALA A 178 8.72 -17.91 -33.66
C ALA A 178 8.91 -17.13 -32.37
N LEU A 179 10.10 -16.57 -32.18
CA LEU A 179 10.45 -15.86 -30.96
C LEU A 179 10.91 -14.46 -31.27
N LEU A 180 10.19 -13.50 -30.75
CA LEU A 180 10.47 -12.10 -31.06
C LEU A 180 11.28 -11.45 -29.93
N ASP A 181 12.54 -11.12 -30.23
CA ASP A 181 13.47 -10.44 -29.31
C ASP A 181 13.97 -11.20 -28.09
N THR A 182 13.08 -11.86 -27.34
CA THR A 182 13.42 -12.36 -25.99
C THR A 182 13.60 -13.89 -25.92
N PRO A 183 14.81 -14.34 -25.56
CA PRO A 183 15.06 -15.79 -25.46
C PRO A 183 14.55 -16.31 -24.13
N HIS A 184 14.42 -17.61 -23.97
CA HIS A 184 13.99 -18.13 -22.68
C HIS A 184 15.09 -17.90 -21.64
N PRO A 185 14.70 -17.61 -20.40
CA PRO A 185 15.63 -17.50 -19.29
C PRO A 185 16.56 -18.71 -19.19
N ASP A 186 17.84 -18.46 -19.00
CA ASP A 186 18.78 -19.52 -18.69
C ASP A 186 19.81 -19.01 -17.67
N GLN A 187 20.96 -19.65 -17.63
CA GLN A 187 21.97 -19.25 -16.65
C GLN A 187 22.48 -17.81 -16.87
N SER A 188 22.43 -17.31 -18.11
CA SER A 188 23.00 -15.99 -18.37
C SER A 188 22.26 -14.85 -17.67
N GLU A 189 21.05 -15.09 -17.19
CA GLU A 189 20.32 -14.03 -16.46
C GLU A 189 21.09 -13.63 -15.21
N TYR A 190 21.87 -14.54 -14.66
CA TYR A 190 22.61 -14.26 -13.43
C TYR A 190 23.88 -13.47 -13.72
N GLU A 191 24.10 -13.12 -14.99
CA GLU A 191 25.23 -12.30 -15.39
C GLU A 191 24.84 -10.86 -15.72
N MET A 192 23.55 -10.60 -15.89
CA MET A 192 23.08 -9.23 -16.14
C MET A 192 23.54 -8.28 -15.04
N ARG A 193 23.91 -7.07 -15.45
CA ARG A 193 24.55 -6.12 -14.55
C ARG A 193 23.62 -4.99 -14.17
N ILE A 194 23.65 -4.61 -12.90
CA ILE A 194 22.95 -3.44 -12.40
C ILE A 194 23.43 -2.16 -13.10
N LEU A 195 24.73 -2.07 -13.31
CA LEU A 195 25.34 -0.88 -13.94
C LEU A 195 26.06 -1.19 -15.24
N CYS A 196 25.77 -0.42 -16.27
CA CYS A 196 26.54 -0.46 -17.52
C CYS A 196 27.44 0.77 -17.61
N ARG A 197 28.61 0.62 -18.20
CA ARG A 197 29.48 1.76 -18.50
C ARG A 197 28.81 2.66 -19.57
N PRO A 198 28.96 3.99 -19.41
CA PRO A 198 28.32 5.06 -20.18
C PRO A 198 28.03 4.76 -21.66
N GLY A 199 28.96 4.14 -22.37
CA GLY A 199 28.74 3.93 -23.80
C GLY A 199 28.00 2.65 -24.12
N THR A 200 27.86 1.80 -23.10
CA THR A 200 27.46 0.40 -23.24
C THR A 200 25.95 0.25 -23.47
N GLY A 201 25.47 -0.97 -23.68
CA GLY A 201 24.04 -1.18 -23.91
C GLY A 201 23.17 -0.78 -22.72
N THR A 202 21.86 -0.88 -22.87
CA THR A 202 20.91 -0.46 -21.83
C THR A 202 20.68 -1.51 -20.73
N THR A 203 20.53 -1.04 -19.49
CA THR A 203 20.21 -1.90 -18.35
C THR A 203 18.72 -2.19 -18.27
N LEU A 204 18.36 -3.45 -18.10
CA LEU A 204 16.97 -3.82 -17.89
C LEU A 204 16.60 -3.70 -16.40
N TRP A 205 16.46 -2.46 -15.93
CA TRP A 205 16.28 -2.17 -14.50
C TRP A 205 15.04 -2.86 -13.93
N TRP A 206 14.03 -3.08 -14.78
CA TRP A 206 12.78 -3.66 -14.32
C TRP A 206 12.88 -5.17 -14.06
N TRP A 207 13.91 -5.81 -14.63
CA TRP A 207 14.16 -7.20 -14.25
C TRP A 207 14.47 -7.28 -12.74
N ALA A 208 15.09 -6.23 -12.21
CA ALA A 208 15.45 -6.18 -10.81
C ALA A 208 14.27 -5.67 -10.00
N PHE A 209 13.69 -4.57 -10.45
CA PHE A 209 12.57 -3.97 -9.78
C PHE A 209 11.36 -4.90 -9.63
N ASN A 210 11.03 -5.64 -10.68
CA ASN A 210 9.86 -6.49 -10.61
C ASN A 210 10.08 -7.78 -9.77
N GLN A 211 11.28 -8.00 -9.28
CA GLN A 211 11.54 -9.10 -8.33
C GLN A 211 10.89 -8.80 -6.99
N LEU A 212 10.66 -7.53 -6.70
CA LEU A 212 10.27 -7.08 -5.36
C LEU A 212 8.81 -7.39 -4.97
N GLN A 213 8.60 -7.63 -3.68
CA GLN A 213 7.27 -7.82 -3.13
C GLN A 213 6.77 -6.49 -2.65
N ALA A 214 5.50 -6.20 -2.94
CA ALA A 214 4.78 -5.02 -2.44
C ALA A 214 5.19 -3.68 -3.06
N LEU A 215 6.49 -3.37 -3.11
CA LEU A 215 6.94 -2.05 -3.56
C LEU A 215 6.48 -1.69 -4.97
N PRO A 216 6.52 -2.66 -5.91
CA PRO A 216 6.09 -2.27 -7.26
C PRO A 216 4.61 -1.86 -7.35
N GLU A 217 3.69 -2.59 -6.70
CA GLU A 217 2.30 -2.11 -6.65
C GLU A 217 2.24 -0.72 -6.08
N GLN A 218 2.96 -0.53 -4.98
CA GLN A 218 2.87 0.74 -4.24
C GLN A 218 3.35 1.94 -5.04
N LEU A 219 4.34 1.76 -5.90
CA LEU A 219 4.87 2.89 -6.65
C LEU A 219 4.19 3.10 -8.02
N MET A 220 3.69 2.02 -8.61
CA MET A 220 3.25 2.08 -10.00
C MET A 220 1.74 2.14 -10.15
N HIS A 221 0.97 1.80 -9.11
CA HIS A 221 -0.48 1.78 -9.33
C HIS A 221 -0.93 3.20 -9.71
N GLY A 222 -1.77 3.31 -10.75
CA GLY A 222 -2.23 4.58 -11.25
C GLY A 222 -1.23 5.35 -12.13
N ARG A 223 0.02 4.89 -12.16
CA ARG A 223 1.12 5.62 -12.78
C ARG A 223 1.83 4.82 -13.87
N MET A 224 1.14 3.81 -14.39
CA MET A 224 1.76 2.93 -15.35
C MET A 224 2.01 3.64 -16.67
N ARG A 225 1.26 4.71 -16.97
CA ARG A 225 1.48 5.43 -18.22
C ARG A 225 2.92 5.97 -18.27
N HIS A 226 3.41 6.44 -17.13
CA HIS A 226 4.78 6.89 -17.02
C HIS A 226 5.81 5.80 -17.31
N VAL A 227 5.56 4.59 -16.80
CA VAL A 227 6.45 3.47 -17.03
C VAL A 227 6.51 3.17 -18.52
N ILE A 228 5.32 3.08 -19.12
CA ILE A 228 5.17 2.84 -20.54
C ILE A 228 5.84 3.93 -21.37
N ASP A 229 5.76 5.18 -20.94
CA ASP A 229 6.42 6.26 -21.67
C ASP A 229 7.95 6.11 -21.60
N TRP A 230 8.46 5.69 -20.44
CA TRP A 230 9.91 5.53 -20.31
C TRP A 230 10.40 4.45 -21.28
N LEU A 231 9.67 3.34 -21.37
CA LEU A 231 10.11 2.21 -22.18
C LEU A 231 10.11 2.57 -23.65
N TYR A 232 9.04 3.21 -24.10
CA TYR A 232 8.94 3.70 -25.47
C TYR A 232 9.94 4.84 -25.77
N ALA A 233 10.17 5.73 -24.81
CA ALA A 233 11.20 6.73 -24.95
C ALA A 233 12.56 6.06 -25.18
N ASN A 234 12.73 4.86 -24.67
CA ASN A 234 14.01 4.20 -24.83
C ASN A 234 14.03 3.09 -25.88
N SER A 235 13.01 3.04 -26.74
CA SER A 235 12.99 2.05 -27.82
C SER A 235 12.53 2.62 -29.18
N LEU A 236 11.38 3.27 -29.23
CA LEU A 236 10.82 3.71 -30.50
C LEU A 236 11.69 4.78 -31.16
N ALA A 237 11.98 4.59 -32.45
CA ALA A 237 12.71 5.55 -33.25
C ALA A 237 11.90 6.85 -33.35
N ASP A 238 10.59 6.67 -33.41
CA ASP A 238 9.63 7.75 -33.52
C ASP A 238 8.44 7.50 -32.57
N GLN A 239 8.20 8.41 -31.63
CA GLN A 239 7.23 8.17 -30.56
C GLN A 239 5.77 7.95 -31.04
N SER A 240 5.48 8.35 -32.26
CA SER A 240 4.12 8.18 -32.78
C SER A 240 3.89 6.78 -33.30
N LEU A 241 4.89 5.91 -33.22
CA LEU A 241 4.71 4.53 -33.60
C LEU A 241 3.74 3.85 -32.65
N VAL A 242 3.65 4.39 -31.45
CA VAL A 242 2.64 3.93 -30.50
C VAL A 242 1.95 5.14 -29.92
N GLY A 243 0.75 5.39 -30.43
CA GLY A 243 -0.01 6.56 -30.04
C GLY A 243 -0.42 6.60 -28.58
N ASP A 244 -0.95 7.76 -28.21
CA ASP A 244 -1.49 8.05 -26.90
C ASP A 244 -2.58 7.04 -26.47
N LEU A 245 -3.53 6.77 -27.35
CA LEU A 245 -4.65 5.91 -26.99
C LEU A 245 -4.16 4.49 -26.73
N ASP A 246 -3.21 4.05 -27.53
CA ASP A 246 -2.67 2.70 -27.35
C ASP A 246 -1.89 2.59 -26.06
N ARG A 247 -1.16 3.64 -25.72
CA ARG A 247 -0.43 3.67 -24.48
C ARG A 247 -1.41 3.62 -23.30
N ASP A 248 -2.58 4.25 -23.44
CA ASP A 248 -3.53 4.30 -22.33
C ASP A 248 -4.30 3.00 -22.19
N ILE A 249 -4.32 2.25 -23.29
CA ILE A 249 -4.91 0.94 -23.31
C ILE A 249 -4.08 -0.02 -22.46
N TYR A 250 -2.76 0.12 -22.56
CA TYR A 250 -1.85 -0.66 -21.73
C TYR A 250 -1.90 -0.19 -20.27
N ALA A 251 -1.82 1.12 -20.04
CA ALA A 251 -1.86 1.65 -18.68
C ALA A 251 -3.09 1.15 -17.92
N ASN A 252 -4.25 1.26 -18.54
CA ASN A 252 -5.50 0.85 -17.91
C ASN A 252 -5.52 -0.64 -17.47
N ALA A 253 -5.10 -1.53 -18.36
CA ALA A 253 -4.91 -2.93 -18.02
C ALA A 253 -3.96 -3.12 -16.84
N TYR A 254 -2.91 -2.29 -16.74
CA TYR A 254 -1.88 -2.52 -15.71
C TYR A 254 -2.00 -1.65 -14.45
N ASN A 255 -2.90 -0.69 -14.44
CA ASN A 255 -2.82 0.36 -13.44
C ASN A 255 -3.26 -0.04 -12.01
N SER A 256 -4.12 -1.05 -11.89
CA SER A 256 -4.51 -1.52 -10.57
C SER A 256 -3.39 -2.22 -9.82
N PRO A 257 -3.37 -2.07 -8.49
CA PRO A 257 -2.40 -2.80 -7.66
C PRO A 257 -2.31 -4.29 -8.03
N GLN A 258 -3.43 -4.95 -8.24
CA GLN A 258 -3.37 -6.37 -8.55
C GLN A 258 -2.82 -6.64 -9.94
N ALA A 259 -3.11 -5.74 -10.87
CA ALA A 259 -2.60 -5.86 -12.24
C ALA A 259 -1.06 -5.73 -12.29
N VAL A 260 -0.53 -4.76 -11.54
CA VAL A 260 0.93 -4.60 -11.39
C VAL A 260 1.55 -5.83 -10.72
N ARG A 261 0.93 -6.27 -9.63
CA ARG A 261 1.45 -7.42 -8.90
C ARG A 261 1.56 -8.64 -9.82
N ALA A 262 0.51 -8.89 -10.59
CA ALA A 262 0.49 -10.01 -11.52
C ALA A 262 1.66 -9.91 -12.48
N GLY A 263 1.81 -8.74 -13.11
CA GLY A 263 2.95 -8.46 -13.96
C GLY A 263 4.29 -8.87 -13.36
N THR A 264 4.56 -8.49 -12.11
CA THR A 264 5.82 -8.83 -11.50
C THR A 264 5.98 -10.33 -11.28
N ARG A 265 4.87 -11.06 -11.19
CA ARG A 265 4.92 -12.51 -10.99
C ARG A 265 5.66 -13.21 -12.13
N TRP A 266 5.54 -12.68 -13.35
CA TRP A 266 6.26 -13.23 -14.51
C TRP A 266 7.76 -13.11 -14.31
N TYR A 267 8.17 -12.04 -13.65
CA TYR A 267 9.59 -11.81 -13.47
C TYR A 267 10.11 -12.57 -12.26
N GLN A 268 9.28 -12.71 -11.24
CA GLN A 268 9.67 -13.41 -10.03
C GLN A 268 9.84 -14.92 -10.23
N ALA A 269 9.20 -15.45 -11.27
CA ALA A 269 9.30 -16.86 -11.59
C ALA A 269 10.55 -17.20 -12.37
N CYS A 270 11.46 -16.23 -12.54
CA CYS A 270 12.69 -16.47 -13.31
C CYS A 270 13.57 -17.60 -12.76
N HIS A 271 13.66 -17.74 -11.44
CA HIS A 271 14.48 -18.83 -10.86
C HIS A 271 13.92 -20.17 -11.28
N GLN A 272 12.64 -20.38 -11.00
CA GLN A 272 11.94 -21.54 -11.54
C GLN A 272 12.10 -21.71 -13.07
N ASP A 273 12.05 -20.63 -13.85
CA ASP A 273 12.12 -20.78 -15.30
C ASP A 273 13.51 -21.27 -15.72
N ILE A 274 14.54 -20.77 -15.04
CA ILE A 274 15.92 -21.13 -15.33
C ILE A 274 16.19 -22.60 -15.05
N THR A 275 15.68 -23.08 -13.91
CA THR A 275 15.67 -24.49 -13.58
C THR A 275 15.00 -25.36 -14.65
N ASP A 276 13.75 -25.02 -14.95
CA ASP A 276 12.98 -25.72 -15.97
C ASP A 276 13.73 -25.79 -17.30
N GLN A 277 14.47 -24.73 -17.61
CA GLN A 277 15.19 -24.64 -18.87
C GLN A 277 16.36 -25.62 -18.92
N ALA A 278 16.95 -25.88 -17.76
CA ALA A 278 18.09 -26.77 -17.67
C ALA A 278 17.64 -28.21 -17.95
N GLY A 279 16.34 -28.47 -17.82
CA GLY A 279 15.79 -29.78 -18.12
C GLY A 279 15.29 -29.98 -19.54
N TYR A 280 15.21 -28.89 -20.30
CA TYR A 280 14.67 -28.96 -21.66
C TYR A 280 15.68 -29.50 -22.66
N GLY A 281 15.25 -30.45 -23.49
CA GLY A 281 16.10 -30.87 -24.58
C GLY A 281 15.99 -29.86 -25.71
N LYS A 282 16.92 -29.93 -26.65
CA LYS A 282 16.89 -29.01 -27.79
C LYS A 282 15.56 -29.09 -28.55
N LEU A 283 15.15 -27.96 -29.13
CA LEU A 283 13.95 -27.93 -29.96
C LEU A 283 14.30 -28.36 -31.39
N THR A 284 13.49 -29.26 -31.95
CA THR A 284 13.80 -29.87 -33.24
C THR A 284 12.83 -29.44 -34.33
N MET A 285 11.62 -29.04 -33.95
CA MET A 285 10.73 -28.40 -34.92
C MET A 285 11.38 -27.10 -35.38
N PRO A 286 10.88 -26.55 -36.49
CA PRO A 286 11.48 -25.32 -37.02
C PRO A 286 11.30 -24.12 -36.07
N VAL A 287 12.35 -23.33 -35.92
CA VAL A 287 12.36 -22.18 -35.02
C VAL A 287 12.75 -20.92 -35.77
N LEU A 288 12.02 -19.84 -35.51
CA LEU A 288 12.36 -18.55 -36.09
C LEU A 288 12.61 -17.56 -34.98
N GLY A 289 13.77 -16.91 -35.04
CA GLY A 289 14.11 -15.88 -34.09
C GLY A 289 14.10 -14.59 -34.88
N ILE A 290 13.36 -13.59 -34.39
CA ILE A 290 13.37 -12.24 -34.94
C ILE A 290 13.94 -11.31 -33.86
N GLY A 291 15.11 -10.75 -34.10
CA GLY A 291 15.78 -9.94 -33.08
C GLY A 291 15.83 -8.45 -33.39
N GLY A 292 15.76 -7.63 -32.35
CA GLY A 292 15.97 -6.20 -32.51
C GLY A 292 17.42 -5.97 -32.88
N ASN A 293 17.78 -4.73 -33.18
CA ASN A 293 19.10 -4.46 -33.71
C ASN A 293 20.20 -4.66 -32.67
N PHE A 294 19.86 -4.66 -31.40
CA PHE A 294 20.90 -4.76 -30.40
C PHE A 294 20.80 -6.05 -29.56
N THR A 295 19.80 -6.87 -29.84
CA THR A 295 19.64 -8.13 -29.13
C THR A 295 19.75 -9.33 -30.10
N PHE A 296 19.93 -9.05 -31.39
CA PHE A 296 19.96 -10.09 -32.43
C PHE A 296 21.01 -11.17 -32.19
N GLU A 297 22.23 -10.75 -31.90
CA GLU A 297 23.35 -11.64 -31.72
C GLU A 297 23.12 -12.56 -30.52
N ASP A 298 22.73 -11.96 -29.40
CA ASP A 298 22.39 -12.72 -28.21
C ASP A 298 21.24 -13.70 -28.49
N LEU A 299 20.20 -13.24 -29.20
CA LEU A 299 19.05 -14.09 -29.50
C LEU A 299 19.45 -15.25 -30.37
N ARG A 300 20.30 -15.00 -31.36
CA ARG A 300 20.76 -16.06 -32.24
C ARG A 300 21.55 -17.11 -31.47
N ASN A 301 22.63 -16.68 -30.83
CA ASN A 301 23.49 -17.60 -30.10
C ASN A 301 22.74 -18.46 -29.10
N LYS A 302 21.73 -17.90 -28.45
CA LYS A 302 20.96 -18.66 -27.48
C LYS A 302 20.01 -19.65 -28.16
N LEU A 303 19.40 -19.25 -29.28
CA LEU A 303 18.50 -20.17 -29.98
C LEU A 303 19.29 -21.29 -30.69
N THR A 304 20.45 -20.99 -31.26
CA THR A 304 21.16 -22.05 -31.97
C THR A 304 21.76 -23.05 -30.97
N ALA A 305 21.95 -22.64 -29.72
CA ALA A 305 22.39 -23.55 -28.68
C ALA A 305 21.24 -24.40 -28.15
N GLN A 306 20.03 -23.84 -28.16
CA GLN A 306 18.86 -24.50 -27.60
C GLN A 306 17.97 -25.22 -28.62
N ALA A 307 18.31 -25.11 -29.91
CA ALA A 307 17.48 -25.69 -30.94
C ALA A 307 18.31 -26.07 -32.15
N THR A 308 17.76 -26.94 -33.00
CA THR A 308 18.54 -27.57 -34.04
C THR A 308 18.24 -27.05 -35.44
N ASP A 309 17.08 -26.40 -35.61
CA ASP A 309 16.66 -25.87 -36.91
C ASP A 309 16.20 -24.41 -36.76
N VAL A 310 17.13 -23.48 -36.91
CA VAL A 310 16.88 -22.08 -36.61
C VAL A 310 17.03 -21.17 -37.82
N HIS A 311 16.06 -20.27 -37.99
CA HIS A 311 16.16 -19.22 -38.99
C HIS A 311 16.08 -17.90 -38.27
N MET A 312 16.90 -16.95 -38.69
CA MET A 312 16.96 -15.66 -38.04
C MET A 312 16.51 -14.56 -39.00
N VAL A 313 15.77 -13.60 -38.46
CA VAL A 313 15.43 -12.35 -39.15
C VAL A 313 15.86 -11.22 -38.24
N ARG A 314 16.44 -10.17 -38.82
CA ARG A 314 16.83 -9.01 -38.05
C ARG A 314 15.85 -7.87 -38.25
N ALA A 315 15.31 -7.36 -37.14
CA ALA A 315 14.53 -6.15 -37.16
C ALA A 315 15.48 -4.96 -36.93
N SER A 316 16.14 -4.52 -37.99
CA SER A 316 17.30 -3.65 -37.81
C SER A 316 16.95 -2.17 -37.69
N LYS A 317 15.66 -1.83 -37.69
CA LYS A 317 15.27 -0.49 -37.30
C LYS A 317 14.64 -0.47 -35.90
N SER A 318 14.66 -1.61 -35.23
CA SER A 318 13.92 -1.77 -33.97
C SER A 318 14.80 -2.01 -32.77
N VAL A 319 14.33 -1.61 -31.59
CA VAL A 319 15.05 -1.94 -30.38
C VAL A 319 14.39 -3.14 -29.68
N HIS A 320 13.08 -3.09 -29.46
CA HIS A 320 12.46 -4.16 -28.67
C HIS A 320 11.03 -4.52 -29.04
N TYR A 321 10.15 -3.53 -29.19
CA TYR A 321 8.73 -3.79 -29.45
C TYR A 321 8.46 -4.09 -30.91
N LEU A 322 8.99 -5.21 -31.39
CA LEU A 322 9.01 -5.53 -32.83
C LEU A 322 7.68 -5.41 -33.59
N PRO A 323 6.59 -5.99 -33.06
CA PRO A 323 5.31 -5.88 -33.76
C PRO A 323 4.78 -4.44 -33.85
N GLU A 324 5.31 -3.52 -33.05
CA GLU A 324 4.89 -2.14 -33.12
C GLU A 324 5.90 -1.27 -33.89
N GLU A 325 7.19 -1.61 -33.79
CA GLU A 325 8.24 -0.82 -34.45
C GLU A 325 8.44 -1.19 -35.92
N GLU A 326 8.43 -2.48 -36.24
CA GLU A 326 8.47 -2.92 -37.65
C GLU A 326 7.40 -3.96 -37.97
N PRO A 327 6.14 -3.52 -38.01
CA PRO A 327 4.98 -4.39 -38.26
C PRO A 327 5.14 -5.24 -39.52
N ASP A 328 5.57 -4.62 -40.62
CA ASP A 328 5.61 -5.30 -41.92
C ASP A 328 6.77 -6.29 -42.03
N VAL A 329 7.80 -6.07 -41.22
CA VAL A 329 8.93 -6.98 -41.17
C VAL A 329 8.58 -8.20 -40.37
N VAL A 330 7.97 -7.97 -39.20
CA VAL A 330 7.42 -9.05 -38.40
C VAL A 330 6.41 -9.88 -39.21
N ALA A 331 5.41 -9.21 -39.77
CA ALA A 331 4.30 -9.93 -40.40
C ALA A 331 4.80 -10.72 -41.59
N GLY A 332 5.78 -10.15 -42.28
CA GLY A 332 6.37 -10.78 -43.43
C GLY A 332 7.21 -11.97 -43.02
N ALA A 333 7.98 -11.80 -41.96
CA ALA A 333 8.84 -12.87 -41.50
C ALA A 333 7.99 -14.04 -41.05
N LEU A 334 6.83 -13.75 -40.45
CA LEU A 334 5.96 -14.84 -39.97
C LEU A 334 5.24 -15.56 -41.10
N LEU A 335 4.73 -14.84 -42.10
CA LEU A 335 4.03 -15.49 -43.22
C LEU A 335 4.94 -16.39 -44.02
N ASP A 336 6.19 -15.96 -44.18
CA ASP A 336 7.14 -16.74 -44.94
C ASP A 336 7.58 -17.97 -44.19
N PHE A 337 7.67 -17.87 -42.86
CA PHE A 337 8.18 -18.97 -42.04
C PHE A 337 7.11 -19.99 -41.66
N PHE A 338 5.88 -19.53 -41.39
CA PHE A 338 4.81 -20.50 -41.14
C PHE A 338 4.28 -21.03 -42.48
N GLY A 339 4.47 -20.26 -43.55
CA GLY A 339 4.12 -20.69 -44.89
C GLY A 339 2.72 -21.28 -45.06
N GLY B 47 10.23 2.22 20.35
CA GLY B 47 11.33 1.26 20.28
C GLY B 47 11.00 -0.20 20.60
N PRO B 48 12.01 -1.08 20.50
CA PRO B 48 11.91 -2.51 20.75
C PRO B 48 11.30 -2.92 22.10
N VAL B 49 11.01 -4.20 22.20
CA VAL B 49 10.17 -4.76 23.21
C VAL B 49 10.74 -6.13 23.59
N PRO B 50 10.58 -6.58 24.85
CA PRO B 50 11.15 -7.90 25.19
C PRO B 50 10.62 -9.00 24.28
N SER B 51 11.38 -10.08 24.12
CA SER B 51 10.92 -11.23 23.34
C SER B 51 9.93 -12.07 24.15
N ASP B 52 9.22 -12.98 23.46
CA ASP B 52 8.28 -13.86 24.15
C ASP B 52 8.98 -14.74 25.18
N ARG B 53 10.19 -15.20 24.86
CA ARG B 53 10.96 -15.97 25.81
C ARG B 53 11.20 -15.20 27.11
N GLU B 54 11.70 -13.97 26.98
CA GLU B 54 11.91 -13.12 28.15
C GLU B 54 10.61 -12.80 28.89
N LEU B 55 9.53 -12.57 28.15
CA LEU B 55 8.23 -12.31 28.75
C LEU B 55 7.75 -13.53 29.56
N ALA B 56 7.82 -14.71 28.95
CA ALA B 56 7.42 -15.96 29.62
C ALA B 56 8.19 -16.17 30.93
N ARG B 57 9.50 -15.93 30.90
CA ARG B 57 10.34 -16.05 32.09
C ARG B 57 10.13 -14.99 33.16
N SER B 58 9.68 -13.80 32.78
CA SER B 58 9.43 -12.75 33.76
C SER B 58 8.18 -13.05 34.61
N LEU B 59 7.45 -14.09 34.23
CA LEU B 59 6.26 -14.51 34.96
C LEU B 59 6.55 -15.61 35.97
N PRO B 60 6.03 -15.45 37.20
CA PRO B 60 5.84 -16.59 38.10
C PRO B 60 4.73 -17.50 37.55
N GLY B 61 4.93 -18.81 37.54
CA GLY B 61 6.21 -19.42 37.81
C GLY B 61 6.31 -20.63 36.91
N GLY B 62 7.43 -20.75 36.21
CA GLY B 62 7.73 -21.95 35.47
C GLY B 62 7.22 -21.96 34.07
N PHE B 63 7.06 -20.77 33.48
CA PHE B 63 6.56 -20.69 32.10
C PHE B 63 7.69 -20.67 31.08
N ARG B 64 7.47 -21.34 29.96
CA ARG B 64 8.45 -21.33 28.89
C ARG B 64 7.81 -21.02 27.55
N SER B 65 8.61 -20.44 26.66
CA SER B 65 8.10 -20.03 25.36
C SER B 65 8.50 -21.07 24.31
N ARG B 66 7.53 -21.55 23.54
CA ARG B 66 7.78 -22.67 22.62
C ARG B 66 7.08 -22.54 21.29
N HIS B 67 7.48 -23.41 20.37
CA HIS B 67 6.86 -23.50 19.07
C HIS B 67 6.58 -24.96 18.73
N ALA B 68 5.54 -25.17 17.93
CA ALA B 68 5.14 -26.48 17.45
C ALA B 68 4.55 -26.30 16.07
N ARG B 69 4.88 -27.21 15.16
CA ARG B 69 4.38 -27.10 13.78
C ARG B 69 3.21 -28.04 13.61
N VAL B 70 2.03 -27.50 13.30
CA VAL B 70 0.84 -28.32 13.13
C VAL B 70 0.27 -28.08 11.75
N GLY B 71 0.28 -29.12 10.93
CA GLY B 71 -0.26 -29.03 9.58
C GLY B 71 0.48 -27.98 8.77
N GLY B 72 1.78 -27.87 9.01
CA GLY B 72 2.59 -26.91 8.27
C GLY B 72 2.56 -25.48 8.79
N VAL B 73 1.63 -25.18 9.70
CA VAL B 73 1.58 -23.84 10.28
C VAL B 73 2.24 -23.87 11.65
N ARG B 74 3.23 -23.00 11.82
CA ARG B 74 3.98 -22.89 13.07
C ARG B 74 3.24 -22.02 14.10
N LEU B 75 2.94 -22.62 15.23
CA LEU B 75 2.25 -21.94 16.31
C LEU B 75 3.17 -21.69 17.49
N HIS B 76 3.09 -20.48 18.01
CA HIS B 76 3.79 -20.15 19.23
C HIS B 76 2.86 -20.29 20.44
N TYR B 77 3.39 -20.80 21.54
CA TYR B 77 2.62 -20.91 22.76
C TYR B 77 3.51 -20.77 24.00
N VAL B 78 2.89 -20.53 25.15
CA VAL B 78 3.58 -20.48 26.44
C VAL B 78 2.90 -21.42 27.44
N SER B 79 3.68 -22.38 27.95
CA SER B 79 3.16 -23.35 28.90
C SER B 79 3.90 -23.33 30.22
N GLY B 80 3.24 -23.84 31.26
CA GLY B 80 3.78 -23.84 32.60
C GLY B 80 2.75 -24.36 33.59
N GLY B 81 3.16 -24.55 34.85
CA GLY B 81 2.24 -25.03 35.86
C GLY B 81 2.09 -26.55 35.84
N HIS B 82 1.31 -27.09 36.76
CA HIS B 82 1.15 -28.53 36.85
C HIS B 82 -0.28 -28.92 37.14
N GLY B 83 -0.73 -29.96 36.47
CA GLY B 83 -2.06 -30.46 36.69
C GLY B 83 -2.72 -30.73 35.36
N GLU B 84 -4.05 -30.83 35.38
CA GLU B 84 -4.84 -30.99 34.18
C GLU B 84 -4.58 -29.84 33.17
N PRO B 85 -4.66 -30.13 31.86
CA PRO B 85 -4.27 -29.09 30.91
C PRO B 85 -5.40 -28.07 30.65
N LEU B 86 -4.99 -26.82 30.46
CA LEU B 86 -5.90 -25.70 30.26
C LEU B 86 -5.43 -24.87 29.08
N LEU B 87 -6.22 -24.87 28.02
CA LEU B 87 -5.86 -24.12 26.83
C LEU B 87 -6.43 -22.70 26.92
N LEU B 88 -5.56 -21.69 26.83
CA LEU B 88 -6.00 -20.29 26.86
C LEU B 88 -5.84 -19.62 25.48
N VAL B 89 -6.90 -19.00 24.97
CA VAL B 89 -6.88 -18.41 23.64
C VAL B 89 -7.29 -16.93 23.63
N PRO B 90 -6.38 -16.03 23.20
CA PRO B 90 -6.56 -14.57 23.15
C PRO B 90 -7.27 -14.08 21.89
N GLY B 91 -7.58 -12.79 21.82
CA GLY B 91 -8.18 -12.23 20.62
C GLY B 91 -7.46 -11.02 20.05
N TRP B 92 -8.24 -10.15 19.40
CA TRP B 92 -7.73 -8.96 18.71
C TRP B 92 -7.85 -7.67 19.55
N PRO B 93 -6.80 -6.84 19.59
CA PRO B 93 -5.49 -7.01 18.97
C PRO B 93 -4.46 -7.35 20.04
N GLN B 94 -4.48 -8.61 20.47
CA GLN B 94 -3.68 -9.03 21.58
C GLN B 94 -2.89 -10.28 21.25
N THR B 95 -2.14 -10.74 22.25
CA THR B 95 -1.40 -11.98 22.16
C THR B 95 -1.66 -12.80 23.44
N TRP B 96 -0.96 -13.93 23.56
CA TRP B 96 -0.93 -14.74 24.79
C TRP B 96 -0.67 -13.89 26.04
N TRP B 97 0.09 -12.81 25.87
CA TRP B 97 0.44 -11.91 26.97
C TRP B 97 -0.81 -11.33 27.66
N ALA B 98 -1.94 -11.39 26.96
CA ALA B 98 -3.20 -10.93 27.53
C ALA B 98 -3.56 -11.70 28.78
N TYR B 99 -3.14 -12.93 28.86
CA TYR B 99 -3.47 -13.73 30.03
C TYR B 99 -2.45 -13.66 31.16
N ARG B 100 -1.47 -12.75 31.06
CA ARG B 100 -0.39 -12.60 32.05
C ARG B 100 -0.86 -12.44 33.49
N LYS B 101 -1.98 -11.77 33.71
CA LYS B 101 -2.42 -11.52 35.07
C LYS B 101 -3.10 -12.73 35.74
N VAL B 102 -3.57 -13.71 34.95
CA VAL B 102 -4.22 -14.89 35.51
C VAL B 102 -3.39 -16.19 35.41
N MET B 103 -2.31 -16.17 34.65
CA MET B 103 -1.57 -17.40 34.35
C MET B 103 -0.87 -18.00 35.58
N PRO B 104 -0.20 -17.17 36.40
CA PRO B 104 0.42 -17.69 37.62
C PRO B 104 -0.60 -18.40 38.53
N GLN B 105 -1.72 -17.74 38.80
CA GLN B 105 -2.77 -18.36 39.60
C GLN B 105 -3.20 -19.68 38.98
N LEU B 106 -3.54 -19.65 37.69
CA LEU B 106 -4.04 -20.85 37.01
C LEU B 106 -2.96 -21.92 36.95
N ALA B 107 -1.71 -21.49 36.93
CA ALA B 107 -0.58 -22.42 36.82
C ALA B 107 -0.42 -23.29 38.09
N ARG B 108 -1.03 -22.87 39.19
CA ARG B 108 -0.95 -23.61 40.44
C ARG B 108 -1.84 -24.85 40.41
N ARG B 109 -2.84 -24.87 39.54
CA ARG B 109 -3.80 -25.99 39.53
C ARG B 109 -3.82 -26.70 38.18
N TYR B 110 -3.33 -26.03 37.14
CA TYR B 110 -3.41 -26.55 35.78
C TYR B 110 -2.07 -26.48 35.07
N HIS B 111 -1.89 -27.37 34.10
CA HIS B 111 -0.85 -27.18 33.12
C HIS B 111 -1.38 -26.19 32.09
N VAL B 112 -0.89 -24.96 32.13
CA VAL B 112 -1.43 -23.90 31.28
C VAL B 112 -0.71 -23.82 29.93
N ILE B 113 -1.50 -23.81 28.86
CA ILE B 113 -0.99 -23.64 27.51
C ILE B 113 -1.62 -22.38 26.89
N ALA B 114 -0.89 -21.28 26.88
CA ALA B 114 -1.41 -20.01 26.32
C ALA B 114 -0.88 -19.82 24.91
N VAL B 115 -1.78 -19.80 23.94
CA VAL B 115 -1.34 -19.83 22.55
C VAL B 115 -1.53 -18.52 21.81
N ASP B 116 -0.79 -18.39 20.72
CA ASP B 116 -1.04 -17.40 19.70
C ASP B 116 -1.78 -18.09 18.55
N LEU B 117 -3.01 -17.67 18.28
CA LEU B 117 -3.72 -18.17 17.10
C LEU B 117 -2.87 -17.97 15.85
N ARG B 118 -3.23 -18.65 14.76
CA ARG B 118 -2.53 -18.40 13.52
C ARG B 118 -2.85 -16.95 13.10
N GLY B 119 -1.82 -16.25 12.65
CA GLY B 119 -1.94 -14.85 12.28
C GLY B 119 -1.58 -13.93 13.42
N MET B 120 -1.47 -14.49 14.62
CA MET B 120 -1.24 -13.75 15.84
C MET B 120 0.16 -13.92 16.47
N GLY B 121 0.80 -12.80 16.77
CA GLY B 121 2.00 -12.80 17.59
C GLY B 121 3.16 -13.55 16.95
N GLY B 122 3.61 -14.61 17.59
CA GLY B 122 4.76 -15.37 17.08
C GLY B 122 4.36 -16.56 16.23
N SER B 123 3.06 -16.75 16.00
CA SER B 123 2.62 -17.82 15.12
C SER B 123 2.75 -17.40 13.65
N ASP B 124 2.80 -18.38 12.77
CA ASP B 124 2.82 -18.11 11.34
C ASP B 124 1.55 -17.36 10.90
N LYS B 125 1.69 -16.59 9.84
CA LYS B 125 0.58 -15.84 9.25
C LYS B 125 0.36 -16.33 7.81
N PRO B 126 -0.20 -17.53 7.67
CA PRO B 126 -0.34 -18.12 6.32
C PRO B 126 -1.41 -17.39 5.49
N ALA B 127 -1.51 -17.70 4.20
CA ALA B 127 -2.46 -17.03 3.32
C ALA B 127 -3.90 -17.05 3.85
N GLY B 128 -4.39 -18.21 4.28
CA GLY B 128 -5.77 -18.38 4.69
C GLY B 128 -5.99 -19.32 5.87
N GLY B 129 -7.23 -19.75 6.07
CA GLY B 129 -7.57 -20.67 7.14
C GLY B 129 -7.91 -19.97 8.44
N TYR B 130 -8.53 -18.79 8.33
CA TYR B 130 -8.73 -17.95 9.51
C TYR B 130 -10.16 -18.00 10.03
N ASP B 131 -11.01 -18.81 9.39
CA ASP B 131 -12.31 -19.15 9.96
C ASP B 131 -12.09 -19.84 11.30
N LYS B 132 -13.02 -19.68 12.24
CA LYS B 132 -12.86 -20.25 13.59
C LYS B 132 -12.71 -21.79 13.61
N LYS B 133 -13.41 -22.48 12.70
CA LYS B 133 -13.32 -23.93 12.61
C LYS B 133 -11.90 -24.42 12.31
N THR B 134 -11.27 -23.81 11.31
CA THR B 134 -9.92 -24.20 10.92
C THR B 134 -8.93 -23.88 12.02
N MET B 135 -9.13 -22.76 12.71
CA MET B 135 -8.21 -22.33 13.76
C MET B 135 -8.39 -23.20 14.97
N ALA B 136 -9.63 -23.65 15.19
CA ALA B 136 -9.89 -24.63 16.23
C ALA B 136 -9.12 -25.93 15.95
N ALA B 137 -9.04 -26.32 14.68
CA ALA B 137 -8.37 -27.57 14.34
C ALA B 137 -6.84 -27.45 14.52
N ASP B 138 -6.29 -26.26 14.31
CA ASP B 138 -4.88 -26.02 14.63
C ASP B 138 -4.63 -26.34 16.08
N LEU B 139 -5.49 -25.82 16.95
CA LEU B 139 -5.35 -25.99 18.39
C LEU B 139 -5.55 -27.44 18.82
N HIS B 140 -6.55 -28.10 18.24
CA HIS B 140 -6.77 -29.52 18.47
C HIS B 140 -5.53 -30.35 18.07
N ALA B 141 -4.97 -30.10 16.90
CA ALA B 141 -3.71 -30.74 16.51
C ALA B 141 -2.60 -30.44 17.51
N LEU B 142 -2.50 -29.20 17.96
CA LEU B 142 -1.45 -28.82 18.91
C LEU B 142 -1.59 -29.58 20.23
N VAL B 143 -2.79 -29.53 20.78
CA VAL B 143 -3.05 -30.16 22.06
C VAL B 143 -2.75 -31.68 22.01
N ARG B 144 -3.26 -32.39 21.01
CA ARG B 144 -3.01 -33.83 20.89
C ARG B 144 -1.54 -34.14 20.62
N GLY B 145 -0.86 -33.24 19.94
CA GLY B 145 0.57 -33.38 19.75
C GLY B 145 1.35 -33.23 21.06
N LEU B 146 0.74 -32.55 22.03
CA LEU B 146 1.38 -32.43 23.35
C LEU B 146 0.87 -33.53 24.31
N GLY B 147 0.09 -34.46 23.76
CA GLY B 147 -0.27 -35.67 24.49
C GLY B 147 -1.52 -35.58 25.33
N HIS B 148 -2.36 -34.59 25.07
CA HIS B 148 -3.59 -34.47 25.84
C HIS B 148 -4.80 -34.93 25.01
N ARG B 149 -5.57 -35.86 25.56
CA ARG B 149 -6.78 -36.33 24.91
C ARG B 149 -7.89 -35.32 25.16
N GLN B 150 -8.04 -34.94 26.42
CA GLN B 150 -8.98 -33.90 26.78
C GLN B 150 -8.27 -32.73 27.45
N VAL B 151 -8.65 -31.52 27.04
CA VAL B 151 -8.16 -30.33 27.70
C VAL B 151 -9.31 -29.45 28.13
N ASN B 152 -9.08 -28.66 29.17
CA ASN B 152 -9.96 -27.55 29.47
C ASN B 152 -9.65 -26.40 28.52
N VAL B 153 -10.69 -25.70 28.09
CA VAL B 153 -10.55 -24.62 27.13
C VAL B 153 -11.18 -23.34 27.64
N ALA B 154 -10.39 -22.27 27.63
CA ALA B 154 -10.91 -20.93 27.90
C ALA B 154 -10.41 -19.99 26.80
N GLY B 155 -11.32 -19.19 26.22
CA GLY B 155 -10.99 -18.33 25.12
C GLY B 155 -11.63 -16.97 25.24
N HIS B 156 -10.97 -15.93 24.72
CA HIS B 156 -11.44 -14.54 24.83
C HIS B 156 -11.47 -13.78 23.49
N ASP B 157 -12.50 -12.96 23.30
CA ASP B 157 -12.64 -12.16 22.08
C ASP B 157 -12.68 -13.11 20.87
N ILE B 158 -11.86 -12.87 19.86
CA ILE B 158 -11.82 -13.83 18.76
C ILE B 158 -11.45 -15.25 19.25
N GLY B 159 -10.54 -15.33 20.23
CA GLY B 159 -10.22 -16.57 20.89
C GLY B 159 -11.42 -17.25 21.54
N SER B 160 -12.51 -16.51 21.77
CA SER B 160 -13.69 -17.13 22.34
C SER B 160 -14.44 -17.86 21.25
N MET B 161 -14.71 -17.16 20.14
CA MET B 161 -15.19 -17.79 18.92
C MET B 161 -14.44 -19.11 18.60
N VAL B 162 -13.12 -19.12 18.74
CA VAL B 162 -12.29 -20.31 18.47
C VAL B 162 -12.48 -21.41 19.53
N ALA B 163 -12.53 -21.03 20.80
CA ALA B 163 -12.80 -21.96 21.88
C ALA B 163 -14.15 -22.63 21.66
N PHE B 164 -15.13 -21.82 21.25
CA PHE B 164 -16.45 -22.36 20.97
C PHE B 164 -16.43 -23.34 19.80
N ALA B 165 -15.70 -23.01 18.73
CA ALA B 165 -15.57 -23.93 17.60
C ALA B 165 -14.84 -25.21 18.02
N PHE B 166 -13.97 -25.09 19.02
CA PHE B 166 -13.23 -26.24 19.52
C PHE B 166 -14.19 -27.22 20.19
N ALA B 167 -15.15 -26.69 20.95
CA ALA B 167 -16.12 -27.55 21.62
C ALA B 167 -17.08 -28.13 20.59
N ALA B 168 -17.42 -27.34 19.58
CA ALA B 168 -18.39 -27.78 18.59
C ALA B 168 -17.81 -28.84 17.67
N ASN B 169 -16.55 -28.70 17.29
CA ASN B 169 -15.97 -29.60 16.31
C ASN B 169 -15.27 -30.80 16.97
N HIS B 170 -14.74 -30.59 18.17
CA HIS B 170 -13.95 -31.62 18.84
C HIS B 170 -14.40 -31.81 20.28
N PRO B 171 -15.66 -32.22 20.45
CA PRO B 171 -16.20 -32.42 21.79
C PRO B 171 -15.42 -33.49 22.52
N GLU B 172 -14.91 -34.46 21.79
CA GLU B 172 -14.15 -35.54 22.40
C GLU B 172 -12.87 -35.03 23.07
N ALA B 173 -12.38 -33.86 22.64
CA ALA B 173 -11.13 -33.31 23.19
C ALA B 173 -11.40 -32.16 24.15
N THR B 174 -12.67 -31.95 24.46
CA THR B 174 -13.09 -30.81 25.26
C THR B 174 -13.72 -31.25 26.56
N ARG B 175 -12.95 -31.19 27.65
CA ARG B 175 -13.49 -31.47 28.97
C ARG B 175 -14.59 -30.44 29.27
N LYS B 176 -14.19 -29.21 29.58
CA LYS B 176 -15.11 -28.07 29.62
C LYS B 176 -14.63 -26.92 28.74
N VAL B 177 -15.57 -26.03 28.39
CA VAL B 177 -15.24 -24.84 27.62
C VAL B 177 -15.79 -23.58 28.29
N ALA B 178 -14.93 -22.58 28.40
CA ALA B 178 -15.34 -21.29 28.95
C ALA B 178 -15.14 -20.20 27.89
N LEU B 179 -16.20 -19.44 27.67
CA LEU B 179 -16.17 -18.37 26.69
C LEU B 179 -16.18 -17.05 27.43
N LEU B 180 -15.14 -16.26 27.20
CA LEU B 180 -14.98 -14.99 27.85
C LEU B 180 -15.47 -13.86 26.93
N ASP B 181 -16.54 -13.21 27.37
CA ASP B 181 -17.18 -12.05 26.74
C ASP B 181 -17.81 -12.24 25.35
N THR B 182 -17.22 -13.06 24.49
CA THR B 182 -17.64 -13.06 23.09
C THR B 182 -18.21 -14.39 22.58
N PRO B 183 -19.47 -14.37 22.12
CA PRO B 183 -20.17 -15.54 21.57
C PRO B 183 -19.76 -15.80 20.13
N HIS B 184 -19.93 -17.03 19.65
CA HIS B 184 -19.65 -17.33 18.25
C HIS B 184 -20.55 -16.54 17.30
N PRO B 185 -19.98 -16.06 16.18
CA PRO B 185 -20.78 -15.39 15.16
C PRO B 185 -22.01 -16.22 14.75
N ASP B 186 -23.15 -15.54 14.62
CA ASP B 186 -24.35 -16.17 14.08
C ASP B 186 -25.17 -15.12 13.31
N GLN B 187 -26.46 -15.38 13.16
CA GLN B 187 -27.31 -14.53 12.35
C GLN B 187 -27.39 -13.12 12.89
N SER B 188 -27.33 -12.98 14.20
CA SER B 188 -27.53 -11.67 14.82
C SER B 188 -26.41 -10.67 14.48
N GLU B 189 -25.27 -11.14 13.98
CA GLU B 189 -24.20 -10.21 13.58
C GLU B 189 -24.72 -9.26 12.50
N TYR B 190 -25.69 -9.74 11.73
CA TYR B 190 -26.24 -8.96 10.62
C TYR B 190 -27.19 -7.87 11.10
N GLU B 191 -27.37 -7.76 12.41
CA GLU B 191 -28.23 -6.72 12.97
C GLU B 191 -27.43 -5.66 13.73
N MET B 192 -26.13 -5.91 13.91
CA MET B 192 -25.23 -4.93 14.50
C MET B 192 -25.38 -3.60 13.76
N ARG B 193 -25.45 -2.52 14.55
CA ARG B 193 -25.69 -1.18 14.04
C ARG B 193 -24.39 -0.40 13.86
N ILE B 194 -24.32 0.41 12.81
CA ILE B 194 -23.10 1.14 12.50
C ILE B 194 -23.08 2.49 13.24
N LEU B 195 -24.23 2.85 13.80
CA LEU B 195 -24.34 4.15 14.47
C LEU B 195 -25.25 4.05 15.69
N CYS B 196 -24.70 4.39 16.85
CA CYS B 196 -25.49 4.35 18.09
C CYS B 196 -26.06 5.72 18.40
N ARG B 197 -27.30 5.74 18.86
CA ARG B 197 -27.86 6.94 19.45
C ARG B 197 -26.97 7.37 20.61
N PRO B 198 -26.80 8.69 20.77
CA PRO B 198 -25.93 9.35 21.75
C PRO B 198 -26.21 8.87 23.17
N GLY B 199 -25.15 8.62 23.93
CA GLY B 199 -25.27 8.21 25.33
C GLY B 199 -25.70 6.77 25.50
N THR B 200 -25.61 5.97 24.44
CA THR B 200 -25.93 4.55 24.54
C THR B 200 -24.67 3.72 24.45
N GLY B 201 -24.66 2.75 23.53
CA GLY B 201 -23.54 1.83 23.44
C GLY B 201 -22.35 2.40 22.69
N THR B 202 -21.29 1.61 22.60
CA THR B 202 -20.18 1.99 21.74
C THR B 202 -20.21 1.10 20.51
N THR B 203 -20.16 1.72 19.34
CA THR B 203 -20.22 0.99 18.09
C THR B 203 -18.93 0.23 17.90
N LEU B 204 -19.07 -1.02 17.47
CA LEU B 204 -17.92 -1.87 17.18
C LEU B 204 -17.39 -1.53 15.80
N TRP B 205 -16.84 -0.32 15.63
CA TRP B 205 -16.43 0.18 14.33
C TRP B 205 -15.46 -0.79 13.63
N TRP B 206 -14.65 -1.49 14.41
CA TRP B 206 -13.60 -2.32 13.83
C TRP B 206 -14.16 -3.61 13.22
N TRP B 207 -15.41 -3.94 13.51
CA TRP B 207 -16.06 -5.08 12.84
C TRP B 207 -16.36 -4.75 11.38
N ALA B 208 -16.67 -3.49 11.10
CA ALA B 208 -16.84 -3.06 9.72
C ALA B 208 -15.47 -2.81 9.08
N PHE B 209 -14.64 -2.03 9.75
CA PHE B 209 -13.34 -1.65 9.20
C PHE B 209 -12.49 -2.87 8.87
N ASN B 210 -12.57 -3.90 9.70
CA ASN B 210 -11.70 -5.05 9.51
C ASN B 210 -12.22 -5.99 8.46
N GLN B 211 -13.38 -5.66 7.90
CA GLN B 211 -13.90 -6.42 6.77
C GLN B 211 -13.10 -6.09 5.52
N LEU B 212 -12.44 -4.95 5.54
CA LEU B 212 -11.93 -4.31 4.34
C LEU B 212 -10.67 -4.95 3.78
N GLN B 213 -10.62 -5.08 2.46
CA GLN B 213 -9.39 -5.49 1.77
C GLN B 213 -8.41 -4.31 1.63
N ALA B 214 -7.13 -4.59 1.81
CA ALA B 214 -6.01 -3.66 1.56
C ALA B 214 -5.88 -2.47 2.50
N LEU B 215 -7.00 -1.79 2.74
CA LEU B 215 -7.01 -0.51 3.43
C LEU B 215 -6.59 -0.53 4.90
N PRO B 216 -7.01 -1.57 5.66
CA PRO B 216 -6.59 -1.64 7.08
C PRO B 216 -5.09 -1.66 7.26
N GLU B 217 -4.39 -2.48 6.49
CA GLU B 217 -2.94 -2.57 6.64
C GLU B 217 -2.31 -1.26 6.18
N GLN B 218 -2.86 -0.66 5.13
CA GLN B 218 -2.41 0.64 4.62
C GLN B 218 -2.53 1.77 5.65
N LEU B 219 -3.60 1.76 6.44
CA LEU B 219 -3.86 2.83 7.43
C LEU B 219 -3.19 2.56 8.79
N MET B 220 -3.10 1.29 9.16
CA MET B 220 -2.73 0.96 10.50
C MET B 220 -1.26 0.59 10.67
N HIS B 221 -0.58 0.24 9.58
CA HIS B 221 0.77 -0.30 9.75
C HIS B 221 1.68 0.77 10.43
N GLY B 222 2.46 0.34 11.41
CA GLY B 222 3.26 1.26 12.20
C GLY B 222 2.49 2.11 13.20
N ARG B 223 1.16 2.07 13.16
CA ARG B 223 0.37 2.96 14.03
C ARG B 223 -0.56 2.21 14.93
N MET B 224 -0.23 0.96 15.25
CA MET B 224 -1.20 0.14 15.97
C MET B 224 -1.34 0.59 17.43
N ARG B 225 -0.32 1.27 17.94
CA ARG B 225 -0.38 1.79 19.30
C ARG B 225 -1.61 2.69 19.46
N HIS B 226 -1.92 3.47 18.42
CA HIS B 226 -3.05 4.39 18.46
C HIS B 226 -4.37 3.66 18.46
N VAL B 227 -4.43 2.57 17.71
CA VAL B 227 -5.59 1.73 17.74
C VAL B 227 -5.81 1.18 19.15
N ILE B 228 -4.74 0.65 19.76
CA ILE B 228 -4.83 0.03 21.09
C ILE B 228 -5.24 1.05 22.19
N ASP B 229 -4.68 2.25 22.14
CA ASP B 229 -5.07 3.30 23.08
C ASP B 229 -6.56 3.62 22.98
N TRP B 230 -7.09 3.60 21.75
CA TRP B 230 -8.50 3.91 21.60
C TRP B 230 -9.39 2.83 22.24
N LEU B 231 -9.10 1.56 21.97
CA LEU B 231 -9.83 0.42 22.55
C LEU B 231 -9.83 0.47 24.06
N TYR B 232 -8.66 0.68 24.63
CA TYR B 232 -8.52 0.81 26.08
C TYR B 232 -9.13 2.09 26.64
N ALA B 233 -9.07 3.18 25.87
CA ALA B 233 -9.71 4.41 26.34
C ALA B 233 -11.22 4.20 26.46
N ASN B 234 -11.76 3.30 25.65
CA ASN B 234 -13.19 3.01 25.65
C ASN B 234 -13.57 1.71 26.37
N SER B 235 -12.73 1.25 27.30
CA SER B 235 -13.08 0.04 28.05
C SER B 235 -12.64 0.10 29.50
N LEU B 236 -11.37 0.45 29.71
CA LEU B 236 -10.74 0.36 31.02
C LEU B 236 -11.27 1.40 32.00
N ALA B 237 -11.67 0.95 33.19
CA ALA B 237 -12.10 1.89 34.23
C ALA B 237 -10.92 2.77 34.65
N ASP B 238 -9.72 2.20 34.61
CA ASP B 238 -8.51 2.94 34.89
C ASP B 238 -7.45 2.53 33.87
N GLN B 239 -6.88 3.51 33.16
CA GLN B 239 -5.94 3.21 32.08
C GLN B 239 -4.69 2.47 32.57
N SER B 240 -4.42 2.50 33.87
CA SER B 240 -3.23 1.85 34.38
C SER B 240 -3.42 0.32 34.53
N LEU B 241 -4.59 -0.18 34.16
CA LEU B 241 -4.83 -1.62 34.11
C LEU B 241 -4.02 -2.28 32.98
N VAL B 242 -3.67 -1.51 31.96
CA VAL B 242 -2.76 -1.99 30.95
C VAL B 242 -1.74 -0.91 30.66
N GLY B 243 -0.51 -1.13 31.08
CA GLY B 243 0.51 -0.10 30.98
C GLY B 243 1.13 0.02 29.61
N ASP B 244 1.98 1.03 29.46
CA ASP B 244 2.59 1.36 28.17
C ASP B 244 3.37 0.19 27.56
N LEU B 245 4.13 -0.54 28.39
CA LEU B 245 4.93 -1.64 27.86
C LEU B 245 4.01 -2.74 27.33
N ASP B 246 2.97 -3.06 28.09
CA ASP B 246 2.02 -4.07 27.64
C ASP B 246 1.36 -3.63 26.35
N ARG B 247 0.97 -2.36 26.31
CA ARG B 247 0.44 -1.80 25.07
C ARG B 247 1.46 -1.91 23.93
N ASP B 248 2.73 -1.65 24.22
CA ASP B 248 3.72 -1.71 23.14
C ASP B 248 4.02 -3.15 22.71
N ILE B 249 3.95 -4.11 23.63
CA ILE B 249 4.05 -5.51 23.26
C ILE B 249 2.97 -5.89 22.24
N TYR B 250 1.73 -5.51 22.50
CA TYR B 250 0.67 -5.71 21.50
C TYR B 250 0.98 -4.97 20.18
N ALA B 251 1.36 -3.70 20.27
CA ALA B 251 1.50 -2.90 19.05
C ALA B 251 2.63 -3.40 18.17
N ASN B 252 3.70 -3.87 18.80
CA ASN B 252 4.80 -4.48 18.09
C ASN B 252 4.38 -5.75 17.32
N ALA B 253 3.57 -6.61 17.94
CA ALA B 253 2.99 -7.78 17.27
C ALA B 253 2.16 -7.47 16.03
N TYR B 254 1.40 -6.37 16.05
CA TYR B 254 0.48 -6.07 14.96
C TYR B 254 0.97 -5.00 13.96
N ASN B 255 2.14 -4.40 14.20
CA ASN B 255 2.50 -3.22 13.41
C ASN B 255 2.93 -3.43 11.98
N SER B 256 3.42 -4.60 11.64
CA SER B 256 3.72 -4.89 10.25
C SER B 256 2.43 -5.07 9.45
N PRO B 257 2.48 -4.82 8.14
CA PRO B 257 1.27 -4.97 7.33
C PRO B 257 0.73 -6.40 7.27
N GLN B 258 1.62 -7.38 7.31
CA GLN B 258 1.19 -8.78 7.33
C GLN B 258 0.40 -9.06 8.59
N ALA B 259 0.85 -8.47 9.70
CA ALA B 259 0.23 -8.67 11.02
C ALA B 259 -1.14 -8.01 11.06
N VAL B 260 -1.22 -6.77 10.58
CA VAL B 260 -2.50 -6.10 10.46
C VAL B 260 -3.45 -6.89 9.56
N ARG B 261 -2.96 -7.28 8.37
CA ARG B 261 -3.71 -8.12 7.43
C ARG B 261 -4.27 -9.42 8.05
N ALA B 262 -3.38 -10.18 8.67
CA ALA B 262 -3.77 -11.40 9.36
C ALA B 262 -4.85 -11.12 10.41
N GLY B 263 -4.71 -10.05 11.18
CA GLY B 263 -5.75 -9.64 12.10
C GLY B 263 -7.10 -9.49 11.38
N THR B 264 -7.12 -8.81 10.25
CA THR B 264 -8.39 -8.59 9.56
C THR B 264 -9.00 -9.89 9.04
N ARG B 265 -8.17 -10.90 8.80
CA ARG B 265 -8.69 -12.17 8.29
C ARG B 265 -9.60 -12.85 9.31
N TRP B 266 -9.31 -12.71 10.59
CA TRP B 266 -10.22 -13.24 11.61
C TRP B 266 -11.66 -12.70 11.45
N TYR B 267 -11.80 -11.41 11.14
CA TYR B 267 -13.15 -10.85 11.00
C TYR B 267 -13.77 -11.16 9.64
N GLN B 268 -12.98 -11.08 8.58
CA GLN B 268 -13.49 -11.31 7.23
C GLN B 268 -14.12 -12.70 7.10
N ALA B 269 -13.62 -13.64 7.92
CA ALA B 269 -14.16 -15.00 7.97
C ALA B 269 -15.56 -15.06 8.60
N CYS B 270 -16.07 -13.93 9.07
CA CYS B 270 -17.30 -13.93 9.84
C CYS B 270 -18.48 -14.66 9.14
N HIS B 271 -18.57 -14.53 7.81
CA HIS B 271 -19.63 -15.19 7.04
C HIS B 271 -19.50 -16.71 6.99
N GLN B 272 -18.28 -17.20 6.79
CA GLN B 272 -18.03 -18.63 6.85
C GLN B 272 -18.31 -19.12 8.26
N ASP B 273 -17.96 -18.31 9.25
CA ASP B 273 -18.21 -18.63 10.64
C ASP B 273 -19.72 -18.74 10.91
N ILE B 274 -20.48 -17.76 10.42
CA ILE B 274 -21.93 -17.74 10.63
C ILE B 274 -22.55 -18.95 9.94
N THR B 275 -22.02 -19.29 8.77
CA THR B 275 -22.48 -20.45 8.02
C THR B 275 -22.21 -21.78 8.73
N ASP B 276 -21.03 -21.93 9.32
CA ASP B 276 -20.68 -23.15 10.04
C ASP B 276 -21.47 -23.32 11.32
N GLN B 277 -21.80 -22.21 11.95
CA GLN B 277 -22.52 -22.24 13.20
C GLN B 277 -23.90 -22.88 12.98
N ALA B 278 -24.50 -22.57 11.82
CA ALA B 278 -25.81 -23.10 11.46
C ALA B 278 -25.84 -24.64 11.47
N GLY B 279 -24.70 -25.27 11.20
CA GLY B 279 -24.64 -26.71 11.16
C GLY B 279 -24.18 -27.36 12.44
N TYR B 280 -24.05 -26.57 13.50
CA TYR B 280 -23.53 -27.09 14.77
C TYR B 280 -24.67 -27.59 15.64
N GLY B 281 -24.52 -28.76 16.24
CA GLY B 281 -25.48 -29.23 17.22
C GLY B 281 -25.25 -28.50 18.52
N LYS B 282 -26.18 -28.60 19.47
CA LYS B 282 -25.96 -27.99 20.79
C LYS B 282 -24.72 -28.57 21.45
N LEU B 283 -24.12 -27.82 22.36
CA LEU B 283 -22.97 -28.36 23.06
C LEU B 283 -23.47 -29.15 24.25
N THR B 284 -22.95 -30.37 24.42
CA THR B 284 -23.43 -31.25 25.48
C THR B 284 -22.46 -31.39 26.65
N MET B 285 -21.24 -30.84 26.51
CA MET B 285 -20.30 -30.75 27.64
C MET B 285 -20.54 -29.45 28.40
N PRO B 286 -19.94 -29.33 29.61
CA PRO B 286 -20.14 -28.13 30.43
C PRO B 286 -19.59 -26.84 29.78
N VAL B 287 -20.43 -25.81 29.76
CA VAL B 287 -20.08 -24.53 29.16
C VAL B 287 -20.10 -23.43 30.23
N LEU B 288 -19.06 -22.60 30.26
CA LEU B 288 -19.06 -21.44 31.16
C LEU B 288 -19.07 -20.15 30.36
N GLY B 289 -19.92 -19.20 30.75
CA GLY B 289 -19.95 -17.89 30.14
C GLY B 289 -19.59 -16.78 31.12
N ILE B 290 -18.52 -16.05 30.81
CA ILE B 290 -18.13 -14.87 31.58
C ILE B 290 -18.35 -13.64 30.72
N GLY B 291 -19.33 -12.82 31.09
CA GLY B 291 -19.62 -11.62 30.34
C GLY B 291 -19.33 -10.34 31.10
N GLY B 292 -18.78 -9.36 30.40
CA GLY B 292 -18.62 -8.03 30.94
C GLY B 292 -20.02 -7.46 31.11
N ASN B 293 -20.14 -6.33 31.79
CA ASN B 293 -21.43 -5.97 32.33
C ASN B 293 -22.49 -5.64 31.28
N PHE B 294 -22.05 -5.31 30.07
CA PHE B 294 -22.97 -4.83 29.07
C PHE B 294 -23.05 -5.77 27.88
N THR B 295 -22.58 -7.00 28.07
CA THR B 295 -22.56 -8.01 27.03
C THR B 295 -23.01 -9.34 27.63
N PHE B 296 -23.36 -9.30 28.90
CA PHE B 296 -23.66 -10.50 29.65
C PHE B 296 -24.92 -11.25 29.20
N GLU B 297 -26.04 -10.53 29.12
CA GLU B 297 -27.30 -11.16 28.75
C GLU B 297 -27.30 -11.71 27.33
N ASP B 298 -26.65 -11.00 26.41
CA ASP B 298 -26.54 -11.49 25.04
C ASP B 298 -25.75 -12.79 25.04
N LEU B 299 -24.70 -12.84 25.85
CA LEU B 299 -23.85 -14.03 25.89
C LEU B 299 -24.60 -15.19 26.54
N ARG B 300 -25.36 -14.90 27.59
CA ARG B 300 -26.13 -15.92 28.25
C ARG B 300 -27.14 -16.49 27.27
N ASN B 301 -27.83 -15.61 26.58
CA ASN B 301 -28.88 -16.01 25.66
C ASN B 301 -28.40 -16.91 24.52
N LYS B 302 -27.37 -16.50 23.79
CA LYS B 302 -26.98 -17.32 22.64
C LYS B 302 -26.23 -18.58 23.09
N LEU B 303 -25.71 -18.58 24.30
CA LEU B 303 -25.08 -19.79 24.82
C LEU B 303 -26.15 -20.84 25.14
N THR B 304 -27.19 -20.43 25.87
CA THR B 304 -28.20 -21.39 26.28
C THR B 304 -29.08 -21.83 25.11
N ALA B 305 -29.02 -21.11 24.00
CA ALA B 305 -29.66 -21.61 22.79
C ALA B 305 -28.71 -22.56 22.07
N GLN B 306 -27.44 -22.57 22.49
CA GLN B 306 -26.41 -23.37 21.81
C GLN B 306 -25.76 -24.46 22.66
N ALA B 307 -26.14 -24.52 23.94
CA ALA B 307 -25.58 -25.52 24.84
C ALA B 307 -26.67 -25.95 25.82
N THR B 308 -26.56 -27.18 26.31
CA THR B 308 -27.58 -27.77 27.17
C THR B 308 -27.08 -27.91 28.60
N ASP B 309 -25.95 -27.28 28.89
CA ASP B 309 -25.39 -27.25 30.24
C ASP B 309 -24.50 -26.03 30.40
N VAL B 310 -25.11 -24.94 30.86
CA VAL B 310 -24.43 -23.64 30.85
C VAL B 310 -24.48 -22.91 32.19
N HIS B 311 -23.34 -22.39 32.61
CA HIS B 311 -23.28 -21.54 33.79
C HIS B 311 -22.76 -20.17 33.35
N MET B 312 -23.09 -19.14 34.11
CA MET B 312 -22.69 -17.79 33.77
C MET B 312 -22.05 -17.09 34.94
N VAL B 313 -21.01 -16.31 34.69
CA VAL B 313 -20.43 -15.44 35.70
C VAL B 313 -20.35 -14.04 35.11
N ARG B 314 -20.71 -13.06 35.90
CA ARG B 314 -20.74 -11.70 35.44
C ARG B 314 -19.52 -10.91 35.92
N ALA B 315 -18.69 -10.46 34.97
CA ALA B 315 -17.59 -9.54 35.28
C ALA B 315 -18.16 -8.13 35.26
N SER B 316 -18.72 -7.68 36.38
CA SER B 316 -19.53 -6.47 36.38
C SER B 316 -18.73 -5.15 36.40
N LYS B 317 -17.41 -5.22 36.57
CA LYS B 317 -16.59 -4.00 36.53
C LYS B 317 -15.89 -3.88 35.18
N SER B 318 -16.27 -4.78 34.27
CA SER B 318 -15.57 -4.97 33.01
C SER B 318 -16.39 -4.60 31.80
N VAL B 319 -15.75 -3.99 30.82
CA VAL B 319 -16.37 -3.80 29.52
C VAL B 319 -16.05 -4.95 28.55
N HIS B 320 -14.78 -5.30 28.40
CA HIS B 320 -14.46 -6.29 27.37
C HIS B 320 -13.21 -7.12 27.65
N TYR B 321 -12.14 -6.47 28.12
CA TYR B 321 -10.84 -7.12 28.31
C TYR B 321 -10.73 -7.84 29.65
N LEU B 322 -11.68 -8.76 29.87
CA LEU B 322 -11.86 -9.49 31.12
C LEU B 322 -10.56 -9.92 31.79
N PRO B 323 -9.71 -10.65 31.07
CA PRO B 323 -8.43 -11.10 31.65
C PRO B 323 -7.55 -9.94 32.15
N GLU B 324 -7.71 -8.74 31.63
CA GLU B 324 -6.95 -7.60 32.14
C GLU B 324 -7.72 -6.63 33.08
N GLU B 325 -9.02 -6.48 32.85
CA GLU B 325 -9.85 -5.58 33.67
C GLU B 325 -10.22 -6.19 35.03
N GLU B 326 -10.37 -7.51 35.08
CA GLU B 326 -10.74 -8.20 36.31
C GLU B 326 -10.08 -9.56 36.40
N PRO B 327 -8.78 -9.59 36.66
CA PRO B 327 -8.06 -10.87 36.65
C PRO B 327 -8.52 -11.83 37.74
N ASP B 328 -8.88 -11.28 38.89
CA ASP B 328 -9.27 -12.12 40.01
C ASP B 328 -10.62 -12.80 39.83
N VAL B 329 -11.59 -12.07 39.28
CA VAL B 329 -12.88 -12.67 38.97
C VAL B 329 -12.73 -13.77 37.91
N VAL B 330 -11.91 -13.51 36.90
CA VAL B 330 -11.78 -14.48 35.81
C VAL B 330 -11.07 -15.75 36.30
N ALA B 331 -9.96 -15.58 37.01
CA ALA B 331 -9.19 -16.72 37.49
C ALA B 331 -9.99 -17.57 38.48
N GLY B 332 -10.64 -16.93 39.45
CA GLY B 332 -11.46 -17.65 40.40
C GLY B 332 -12.58 -18.39 39.68
N ALA B 333 -13.20 -17.74 38.73
CA ALA B 333 -14.30 -18.39 38.03
C ALA B 333 -13.84 -19.63 37.25
N LEU B 334 -12.65 -19.57 36.66
CA LEU B 334 -12.15 -20.70 35.89
C LEU B 334 -11.71 -21.82 36.82
N LEU B 335 -11.04 -21.49 37.91
CA LEU B 335 -10.64 -22.47 38.91
C LEU B 335 -11.85 -23.22 39.49
N ASP B 336 -12.93 -22.49 39.73
CA ASP B 336 -14.15 -23.07 40.29
C ASP B 336 -14.88 -23.88 39.22
N PHE B 337 -14.86 -23.39 37.99
CA PHE B 337 -15.57 -24.07 36.91
C PHE B 337 -14.79 -25.30 36.40
N PHE B 338 -13.49 -25.18 36.24
CA PHE B 338 -12.72 -26.29 35.65
C PHE B 338 -12.45 -27.37 36.67
N GLY B 339 -12.31 -26.96 37.93
CA GLY B 339 -11.98 -27.85 39.02
C GLY B 339 -10.59 -28.43 38.85
N GLY C 47 4.38 23.11 -4.02
CA GLY C 47 3.19 22.34 -3.66
C GLY C 47 2.98 21.06 -4.46
N PRO C 48 2.58 19.97 -3.79
CA PRO C 48 2.47 18.60 -4.33
C PRO C 48 1.43 18.42 -5.42
N VAL C 49 0.40 19.27 -5.44
CA VAL C 49 -0.58 19.26 -6.52
C VAL C 49 -0.87 20.68 -6.97
N PRO C 50 -1.48 20.84 -8.17
CA PRO C 50 -1.82 22.15 -8.74
C PRO C 50 -2.73 22.92 -7.79
N SER C 51 -2.46 24.21 -7.61
CA SER C 51 -3.27 25.03 -6.71
C SER C 51 -4.67 25.20 -7.29
N ASP C 52 -5.61 25.64 -6.47
CA ASP C 52 -6.96 25.95 -6.97
C ASP C 52 -6.89 26.97 -8.11
N ARG C 53 -6.06 27.99 -7.93
CA ARG C 53 -5.86 29.01 -8.96
C ARG C 53 -5.56 28.36 -10.29
N GLU C 54 -4.62 27.43 -10.27
CA GLU C 54 -4.19 26.77 -11.50
C GLU C 54 -5.21 25.76 -12.00
N LEU C 55 -5.99 25.20 -11.08
CA LEU C 55 -6.99 24.19 -11.48
C LEU C 55 -8.20 24.84 -12.15
N ALA C 56 -8.68 25.95 -11.57
CA ALA C 56 -9.80 26.69 -12.15
C ALA C 56 -9.44 27.15 -13.56
N ARG C 57 -8.33 27.87 -13.68
CA ARG C 57 -7.77 28.31 -14.96
C ARG C 57 -7.73 27.20 -16.01
N SER C 58 -7.33 26.00 -15.61
CA SER C 58 -7.17 24.89 -16.56
C SER C 58 -8.50 24.46 -17.16
N LEU C 59 -9.59 25.00 -16.63
CA LEU C 59 -10.92 24.59 -17.05
C LEU C 59 -11.47 25.48 -18.15
N PRO C 60 -12.05 24.85 -19.19
CA PRO C 60 -12.91 25.46 -20.19
C PRO C 60 -14.30 25.72 -19.62
N GLY C 61 -14.75 26.96 -19.54
CA GLY C 61 -13.96 28.13 -19.88
C GLY C 61 -14.34 29.31 -19.01
N GLY C 62 -13.34 30.06 -18.57
CA GLY C 62 -13.56 31.27 -17.81
C GLY C 62 -13.86 31.04 -16.34
N PHE C 63 -13.19 30.05 -15.73
CA PHE C 63 -13.35 29.79 -14.31
C PHE C 63 -12.20 30.39 -13.53
N ARG C 64 -12.49 30.84 -12.32
CA ARG C 64 -11.51 31.50 -11.48
C ARG C 64 -11.73 31.14 -10.01
N SER C 65 -10.63 31.02 -9.27
CA SER C 65 -10.67 30.61 -7.88
C SER C 65 -10.71 31.83 -6.97
N ARG C 66 -11.80 31.98 -6.23
CA ARG C 66 -11.96 33.14 -5.36
C ARG C 66 -12.23 32.75 -3.92
N HIS C 67 -12.20 33.74 -3.04
CA HIS C 67 -12.54 33.56 -1.64
C HIS C 67 -13.57 34.60 -1.23
N ALA C 68 -13.93 34.55 0.05
CA ALA C 68 -15.02 35.34 0.61
C ALA C 68 -15.12 35.08 2.11
N ARG C 69 -15.22 36.13 2.91
CA ARG C 69 -15.31 35.97 4.35
C ARG C 69 -16.76 36.13 4.79
N VAL C 70 -17.40 35.04 5.24
CA VAL C 70 -18.73 35.18 5.80
C VAL C 70 -18.78 34.59 7.20
N GLY C 71 -19.39 35.32 8.13
CA GLY C 71 -19.50 34.88 9.50
C GLY C 71 -18.14 34.78 10.16
N GLY C 72 -17.17 35.48 9.59
CA GLY C 72 -15.81 35.42 10.11
C GLY C 72 -15.07 34.15 9.73
N VAL C 73 -15.68 33.32 8.88
CA VAL C 73 -15.00 32.13 8.37
C VAL C 73 -14.85 32.25 6.85
N ARG C 74 -13.64 31.99 6.36
CA ARG C 74 -13.32 32.16 4.94
C ARG C 74 -13.73 30.96 4.10
N LEU C 75 -14.37 31.19 2.95
CA LEU C 75 -14.79 30.09 2.10
C LEU C 75 -14.14 30.20 0.72
N HIS C 76 -13.60 29.09 0.24
CA HIS C 76 -13.06 29.06 -1.11
C HIS C 76 -14.09 28.54 -2.11
N TYR C 77 -14.12 29.14 -3.31
CA TYR C 77 -14.99 28.68 -4.38
C TYR C 77 -14.41 29.01 -5.75
N VAL C 78 -14.94 28.35 -6.77
CA VAL C 78 -14.57 28.59 -8.15
C VAL C 78 -15.79 28.93 -8.99
N SER C 79 -15.82 30.15 -9.52
CA SER C 79 -17.01 30.66 -10.23
C SER C 79 -16.71 30.96 -11.69
N GLY C 80 -17.73 30.80 -12.53
CA GLY C 80 -17.62 31.03 -13.95
C GLY C 80 -18.97 30.87 -14.61
N GLY C 81 -19.03 31.03 -15.93
CA GLY C 81 -20.28 30.93 -16.66
C GLY C 81 -21.15 32.17 -16.54
N HIS C 82 -22.20 32.21 -17.35
CA HIS C 82 -23.14 33.33 -17.35
C HIS C 82 -24.57 32.80 -17.31
N GLY C 83 -25.40 33.45 -16.50
CA GLY C 83 -26.78 33.04 -16.41
C GLY C 83 -27.29 33.06 -14.98
N GLU C 84 -28.35 32.32 -14.74
CA GLU C 84 -28.90 32.13 -13.40
C GLU C 84 -27.87 31.39 -12.55
N PRO C 85 -27.65 31.90 -11.33
CA PRO C 85 -26.66 31.33 -10.38
C PRO C 85 -26.90 29.84 -10.08
N LEU C 86 -25.87 29.01 -10.26
CA LEU C 86 -25.96 27.59 -9.90
C LEU C 86 -24.87 27.20 -8.89
N LEU C 87 -25.30 26.94 -7.66
CA LEU C 87 -24.44 26.57 -6.55
C LEU C 87 -24.18 25.05 -6.52
N LEU C 88 -22.91 24.67 -6.53
CA LEU C 88 -22.57 23.25 -6.53
C LEU C 88 -21.78 22.87 -5.25
N VAL C 89 -22.32 21.92 -4.50
CA VAL C 89 -21.69 21.51 -3.23
C VAL C 89 -21.21 20.06 -3.24
N PRO C 90 -19.93 19.85 -2.92
CA PRO C 90 -19.32 18.52 -2.89
C PRO C 90 -19.37 17.83 -1.52
N GLY C 91 -19.01 16.56 -1.46
CA GLY C 91 -18.95 15.83 -0.20
C GLY C 91 -17.58 15.28 0.18
N TRP C 92 -17.59 14.27 1.06
CA TRP C 92 -16.37 13.68 1.61
C TRP C 92 -15.92 12.45 0.82
N PRO C 93 -14.62 12.32 0.56
CA PRO C 93 -13.49 13.22 0.79
C PRO C 93 -13.07 13.85 -0.53
N GLN C 94 -13.88 14.79 -1.00
CA GLN C 94 -13.61 15.46 -2.24
C GLN C 94 -13.54 16.95 -2.01
N THR C 95 -13.47 17.70 -3.10
CA THR C 95 -13.51 19.15 -3.07
C THR C 95 -14.37 19.59 -4.25
N TRP C 96 -14.45 20.90 -4.49
CA TRP C 96 -15.15 21.41 -5.65
C TRP C 96 -14.73 20.73 -6.96
N TRP C 97 -13.49 20.25 -6.97
CA TRP C 97 -12.90 19.59 -8.13
C TRP C 97 -13.67 18.36 -8.56
N ALA C 98 -14.52 17.85 -7.67
CA ALA C 98 -15.41 16.75 -8.01
C ALA C 98 -16.31 17.13 -9.17
N TYR C 99 -16.52 18.42 -9.37
CA TYR C 99 -17.49 18.90 -10.34
C TYR C 99 -16.87 19.30 -11.67
N ARG C 100 -15.56 19.11 -11.79
CA ARG C 100 -14.80 19.48 -12.96
C ARG C 100 -15.43 18.97 -14.26
N LYS C 101 -16.01 17.77 -14.23
CA LYS C 101 -16.52 17.18 -15.47
C LYS C 101 -17.85 17.76 -15.96
N VAL C 102 -18.59 18.44 -15.09
CA VAL C 102 -19.89 18.97 -15.47
C VAL C 102 -19.95 20.50 -15.45
N MET C 103 -18.97 21.14 -14.84
CA MET C 103 -18.93 22.60 -14.76
C MET C 103 -18.90 23.26 -16.15
N PRO C 104 -18.09 22.73 -17.07
CA PRO C 104 -18.04 23.30 -18.44
C PRO C 104 -19.42 23.35 -19.13
N GLN C 105 -20.10 22.21 -19.22
CA GLN C 105 -21.43 22.17 -19.83
C GLN C 105 -22.41 23.04 -19.07
N LEU C 106 -22.37 22.99 -17.74
CA LEU C 106 -23.28 23.78 -16.92
C LEU C 106 -22.99 25.26 -17.05
N ALA C 107 -21.75 25.62 -17.31
CA ALA C 107 -21.37 27.03 -17.37
C ALA C 107 -21.92 27.69 -18.65
N ARG C 108 -22.40 26.87 -19.57
CA ARG C 108 -23.06 27.38 -20.77
C ARG C 108 -24.32 28.15 -20.38
N ARG C 109 -25.14 27.54 -19.53
CA ARG C 109 -26.49 28.03 -19.22
C ARG C 109 -26.62 28.78 -17.91
N TYR C 110 -25.60 28.70 -17.06
CA TYR C 110 -25.67 29.25 -15.70
C TYR C 110 -24.34 29.86 -15.26
N HIS C 111 -24.42 30.82 -14.34
CA HIS C 111 -23.24 31.27 -13.61
C HIS C 111 -22.97 30.23 -12.52
N VAL C 112 -22.03 29.32 -12.80
CA VAL C 112 -21.75 28.20 -11.90
C VAL C 112 -20.90 28.64 -10.70
N ILE C 113 -21.32 28.25 -9.51
CA ILE C 113 -20.56 28.54 -8.29
C ILE C 113 -20.23 27.28 -7.50
N ALA C 114 -19.03 26.75 -7.71
CA ALA C 114 -18.61 25.50 -7.10
C ALA C 114 -17.77 25.78 -5.86
N VAL C 115 -18.27 25.34 -4.71
CA VAL C 115 -17.69 25.73 -3.42
C VAL C 115 -17.01 24.61 -2.65
N ASP C 116 -16.13 25.00 -1.73
CA ASP C 116 -15.65 24.10 -0.70
C ASP C 116 -16.40 24.40 0.57
N LEU C 117 -17.12 23.43 1.10
CA LEU C 117 -17.80 23.55 2.39
C LEU C 117 -16.89 24.03 3.49
N ARG C 118 -17.49 24.44 4.60
CA ARG C 118 -16.68 24.81 5.75
C ARG C 118 -15.90 23.57 6.20
N GLY C 119 -14.58 23.69 6.29
CA GLY C 119 -13.75 22.58 6.67
C GLY C 119 -13.14 21.84 5.50
N MET C 120 -13.63 22.12 4.29
CA MET C 120 -13.20 21.42 3.08
C MET C 120 -12.21 22.24 2.24
N GLY C 121 -11.20 21.56 1.68
CA GLY C 121 -10.30 22.15 0.69
C GLY C 121 -9.73 23.48 1.10
N GLY C 122 -9.96 24.50 0.27
CA GLY C 122 -9.42 25.82 0.51
C GLY C 122 -10.07 26.64 1.60
N SER C 123 -11.24 26.20 2.07
CA SER C 123 -12.02 26.97 3.05
C SER C 123 -11.45 26.80 4.43
N ASP C 124 -11.80 27.71 5.35
CA ASP C 124 -11.35 27.66 6.72
C ASP C 124 -11.83 26.38 7.39
N LYS C 125 -11.19 26.04 8.50
CA LYS C 125 -11.50 24.81 9.22
C LYS C 125 -11.60 25.11 10.71
N PRO C 126 -12.61 25.88 11.12
CA PRO C 126 -12.87 26.29 12.51
C PRO C 126 -13.07 25.11 13.45
N ALA C 127 -13.27 25.39 14.73
CA ALA C 127 -13.41 24.33 15.73
C ALA C 127 -14.78 23.65 15.68
N GLY C 128 -15.81 24.37 15.27
CA GLY C 128 -17.15 23.80 15.21
C GLY C 128 -18.03 24.28 14.07
N GLY C 129 -19.31 23.95 14.17
CA GLY C 129 -20.31 24.42 13.23
C GLY C 129 -20.36 23.58 11.98
N TYR C 130 -20.28 22.26 12.15
CA TYR C 130 -20.23 21.32 11.02
C TYR C 130 -21.57 20.63 10.79
N ASP C 131 -22.56 20.98 11.61
CA ASP C 131 -23.93 20.62 11.33
C ASP C 131 -24.31 21.20 9.96
N LYS C 132 -25.11 20.42 9.24
CA LYS C 132 -25.53 20.79 7.89
C LYS C 132 -26.33 22.10 7.88
N LYS C 133 -26.97 22.42 9.00
CA LYS C 133 -27.72 23.66 9.13
C LYS C 133 -26.79 24.87 9.09
N THR C 134 -25.77 24.86 9.95
CA THR C 134 -24.79 25.94 9.98
C THR C 134 -24.01 26.06 8.68
N MET C 135 -23.68 24.93 8.06
CA MET C 135 -22.96 24.94 6.81
C MET C 135 -23.86 25.47 5.68
N ALA C 136 -25.16 25.19 5.78
CA ALA C 136 -26.15 25.74 4.85
C ALA C 136 -26.22 27.25 4.99
N ALA C 137 -26.10 27.74 6.22
CA ALA C 137 -26.14 29.17 6.50
C ALA C 137 -24.88 29.88 6.00
N ASP C 138 -23.75 29.16 5.91
CA ASP C 138 -22.52 29.76 5.36
C ASP C 138 -22.79 30.11 3.91
N LEU C 139 -23.35 29.13 3.20
CA LEU C 139 -23.53 29.25 1.75
C LEU C 139 -24.61 30.28 1.40
N HIS C 140 -25.65 30.38 2.22
CA HIS C 140 -26.65 31.43 2.08
C HIS C 140 -25.99 32.81 2.13
N ALA C 141 -25.06 33.00 3.07
CA ALA C 141 -24.38 34.27 3.27
C ALA C 141 -23.46 34.60 2.10
N LEU C 142 -22.70 33.61 1.66
CA LEU C 142 -21.80 33.79 0.54
C LEU C 142 -22.55 34.27 -0.69
N VAL C 143 -23.70 33.63 -0.93
CA VAL C 143 -24.50 33.83 -2.13
C VAL C 143 -25.32 35.14 -2.09
N ARG C 144 -25.85 35.49 -0.92
CA ARG C 144 -26.42 36.80 -0.71
C ARG C 144 -25.30 37.85 -0.88
N GLY C 145 -24.20 37.66 -0.17
CA GLY C 145 -23.07 38.57 -0.26
C GLY C 145 -22.58 38.81 -1.67
N LEU C 146 -22.90 37.90 -2.57
CA LEU C 146 -22.57 38.08 -3.98
C LEU C 146 -23.79 38.57 -4.76
N GLY C 147 -24.77 39.07 -4.02
CA GLY C 147 -25.90 39.75 -4.62
C GLY C 147 -26.87 38.91 -5.42
N HIS C 148 -27.06 37.66 -5.04
CA HIS C 148 -28.14 36.86 -5.61
C HIS C 148 -29.25 36.68 -4.58
N ARG C 149 -30.48 36.98 -4.99
CA ARG C 149 -31.65 36.89 -4.13
C ARG C 149 -31.99 35.44 -3.90
N GLN C 150 -31.92 34.67 -4.97
CA GLN C 150 -32.23 33.26 -4.94
C GLN C 150 -31.30 32.54 -5.91
N VAL C 151 -31.09 31.26 -5.70
CA VAL C 151 -30.14 30.56 -6.54
C VAL C 151 -30.57 29.12 -6.78
N ASN C 152 -30.04 28.52 -7.83
CA ASN C 152 -30.18 27.08 -8.04
C ASN C 152 -29.15 26.35 -7.21
N VAL C 153 -29.57 25.33 -6.46
CA VAL C 153 -28.62 24.57 -5.63
C VAL C 153 -28.54 23.09 -5.99
N ALA C 154 -27.33 22.61 -6.19
CA ALA C 154 -27.13 21.18 -6.43
C ALA C 154 -26.04 20.66 -5.51
N GLY C 155 -26.36 19.64 -4.71
CA GLY C 155 -25.42 19.08 -3.75
C GLY C 155 -25.13 17.60 -3.94
N HIS C 156 -23.91 17.17 -3.58
CA HIS C 156 -23.54 15.75 -3.61
C HIS C 156 -22.90 15.26 -2.29
N ASP C 157 -23.22 14.01 -1.92
CA ASP C 157 -22.70 13.40 -0.71
C ASP C 157 -23.08 14.28 0.47
N ILE C 158 -22.09 14.76 1.23
CA ILE C 158 -22.38 15.64 2.34
C ILE C 158 -22.91 16.99 1.85
N GLY C 159 -22.46 17.39 0.66
CA GLY C 159 -22.95 18.58 0.00
C GLY C 159 -24.44 18.51 -0.28
N SER C 160 -24.94 17.30 -0.53
CA SER C 160 -26.36 17.08 -0.75
C SER C 160 -27.18 17.23 0.54
N MET C 161 -26.59 16.87 1.67
CA MET C 161 -27.20 17.15 2.97
C MET C 161 -27.28 18.65 3.15
N VAL C 162 -26.26 19.34 2.66
CA VAL C 162 -26.16 20.76 2.86
C VAL C 162 -27.09 21.50 1.89
N ALA C 163 -27.15 21.02 0.64
CA ALA C 163 -28.14 21.46 -0.32
C ALA C 163 -29.56 21.34 0.23
N PHE C 164 -29.87 20.23 0.90
CA PHE C 164 -31.22 20.02 1.40
C PHE C 164 -31.54 20.99 2.52
N ALA C 165 -30.59 21.16 3.43
CA ALA C 165 -30.76 22.06 4.56
C ALA C 165 -30.79 23.52 4.12
N PHE C 166 -30.18 23.79 2.96
CA PHE C 166 -30.17 25.12 2.38
C PHE C 166 -31.61 25.46 1.96
N ALA C 167 -32.23 24.51 1.25
CA ALA C 167 -33.61 24.65 0.80
C ALA C 167 -34.61 24.79 1.96
N ALA C 168 -34.39 24.02 3.02
CA ALA C 168 -35.29 23.95 4.18
C ALA C 168 -35.16 25.14 5.12
N ASN C 169 -33.99 25.75 5.19
CA ASN C 169 -33.81 26.87 6.09
C ASN C 169 -33.93 28.23 5.38
N HIS C 170 -33.85 28.21 4.05
CA HIS C 170 -33.80 29.43 3.25
C HIS C 170 -34.55 29.28 1.92
N PRO C 171 -35.86 29.01 2.00
CA PRO C 171 -36.63 28.67 0.79
C PRO C 171 -36.75 29.86 -0.17
N GLU C 172 -36.67 31.07 0.35
CA GLU C 172 -36.76 32.25 -0.51
C GLU C 172 -35.50 32.39 -1.34
N ALA C 173 -34.38 31.88 -0.83
CA ALA C 173 -33.11 31.96 -1.56
C ALA C 173 -32.94 30.79 -2.54
N THR C 174 -33.98 29.97 -2.67
CA THR C 174 -33.87 28.71 -3.40
C THR C 174 -34.85 28.59 -4.55
N ARG C 175 -34.37 28.82 -5.78
CA ARG C 175 -35.16 28.53 -6.98
C ARG C 175 -35.56 27.04 -7.00
N LYS C 176 -34.59 26.18 -7.27
CA LYS C 176 -34.84 24.75 -7.22
C LYS C 176 -33.66 24.05 -6.59
N VAL C 177 -33.87 22.84 -6.12
CA VAL C 177 -32.82 22.13 -5.43
C VAL C 177 -32.68 20.70 -5.97
N ALA C 178 -31.43 20.32 -6.21
CA ALA C 178 -31.10 19.01 -6.72
C ALA C 178 -30.15 18.30 -5.75
N LEU C 179 -30.55 17.09 -5.36
CA LEU C 179 -29.78 16.26 -4.44
C LEU C 179 -29.17 15.09 -5.20
N LEU C 180 -27.84 15.03 -5.18
CA LEU C 180 -27.13 13.96 -5.85
C LEU C 180 -26.75 12.81 -4.88
N ASP C 181 -27.47 11.70 -5.03
CA ASP C 181 -27.23 10.42 -4.35
C ASP C 181 -27.60 10.29 -2.87
N THR C 182 -27.38 11.33 -2.07
CA THR C 182 -27.44 11.14 -0.61
C THR C 182 -28.56 11.91 0.09
N PRO C 183 -29.42 11.20 0.83
CA PRO C 183 -30.46 11.95 1.54
C PRO C 183 -29.89 12.74 2.72
N HIS C 184 -30.67 13.68 3.24
CA HIS C 184 -30.39 14.26 4.54
C HIS C 184 -30.56 13.21 5.61
N PRO C 185 -29.69 13.22 6.61
CA PRO C 185 -29.79 12.36 7.78
C PRO C 185 -31.19 12.39 8.43
N ASP C 186 -31.65 11.24 8.89
CA ASP C 186 -32.87 11.15 9.68
C ASP C 186 -32.77 9.91 10.55
N GLN C 187 -33.86 9.50 11.19
CA GLN C 187 -33.82 8.37 12.11
C GLN C 187 -33.32 7.11 11.46
N SER C 188 -33.41 7.02 10.13
CA SER C 188 -33.00 5.79 9.45
C SER C 188 -31.48 5.60 9.49
N GLU C 189 -30.73 6.65 9.81
CA GLU C 189 -29.27 6.53 9.93
C GLU C 189 -28.90 5.54 11.05
N TYR C 190 -29.82 5.38 12.00
CA TYR C 190 -29.61 4.47 13.11
C TYR C 190 -29.95 3.03 12.77
N GLU C 191 -30.31 2.79 11.51
CA GLU C 191 -30.65 1.44 11.09
C GLU C 191 -29.58 0.90 10.17
N MET C 192 -28.66 1.75 9.74
CA MET C 192 -27.50 1.27 8.98
C MET C 192 -26.83 0.10 9.70
N ARG C 193 -26.50 -0.94 8.93
CA ARG C 193 -25.91 -2.15 9.50
C ARG C 193 -24.40 -2.25 9.25
N ILE C 194 -23.71 -2.81 10.25
CA ILE C 194 -22.27 -3.04 10.23
C ILE C 194 -21.83 -4.11 9.21
N LEU C 195 -22.73 -5.05 8.95
CA LEU C 195 -22.42 -6.21 8.13
C LEU C 195 -23.48 -6.53 7.10
N CYS C 196 -23.02 -6.82 5.88
CA CYS C 196 -23.86 -7.28 4.78
C CYS C 196 -23.39 -8.65 4.33
N ARG C 197 -24.31 -9.60 4.16
CA ARG C 197 -23.99 -10.84 3.47
C ARG C 197 -23.53 -10.43 2.07
N PRO C 198 -22.53 -11.15 1.51
CA PRO C 198 -21.90 -10.78 0.22
C PRO C 198 -22.89 -10.49 -0.90
N GLY C 199 -24.00 -11.23 -0.91
CA GLY C 199 -25.06 -10.99 -1.88
C GLY C 199 -25.53 -9.55 -1.92
N THR C 200 -25.75 -8.95 -0.76
CA THR C 200 -26.34 -7.62 -0.74
C THR C 200 -25.27 -6.55 -1.00
N GLY C 201 -25.50 -5.37 -0.44
CA GLY C 201 -24.73 -4.20 -0.79
C GLY C 201 -23.46 -4.00 0.00
N THR C 202 -23.03 -2.74 0.07
CA THR C 202 -21.80 -2.34 0.74
C THR C 202 -22.06 -1.62 2.04
N THR C 203 -21.32 -1.94 3.09
CA THR C 203 -21.50 -1.23 4.36
C THR C 203 -20.75 0.11 4.32
N LEU C 204 -21.30 1.10 5.00
CA LEU C 204 -20.69 2.42 5.00
C LEU C 204 -19.80 2.54 6.23
N TRP C 205 -18.66 1.86 6.17
CA TRP C 205 -17.78 1.69 7.33
C TRP C 205 -17.31 3.03 7.89
N TRP C 206 -17.13 4.02 7.01
CA TRP C 206 -16.61 5.30 7.44
C TRP C 206 -17.63 6.13 8.21
N TRP C 207 -18.90 5.74 8.15
CA TRP C 207 -19.93 6.37 8.99
C TRP C 207 -19.71 6.05 10.47
N ALA C 208 -19.12 4.88 10.75
CA ALA C 208 -18.75 4.53 12.13
C ALA C 208 -17.37 5.07 12.48
N PHE C 209 -16.40 4.87 11.60
CA PHE C 209 -15.03 5.28 11.85
C PHE C 209 -14.89 6.81 12.06
N ASN C 210 -15.68 7.58 11.33
CA ASN C 210 -15.61 9.03 11.40
C ASN C 210 -16.34 9.64 12.60
N GLN C 211 -16.94 8.79 13.44
CA GLN C 211 -17.48 9.21 14.73
C GLN C 211 -16.38 9.39 15.77
N LEU C 212 -15.30 8.61 15.62
CA LEU C 212 -14.25 8.55 16.63
C LEU C 212 -13.47 9.83 16.81
N GLN C 213 -13.08 10.09 18.07
CA GLN C 213 -12.14 11.15 18.43
C GLN C 213 -10.70 10.71 18.29
N ALA C 214 -9.87 11.54 17.65
CA ALA C 214 -8.40 11.36 17.66
C ALA C 214 -7.90 10.28 16.69
N LEU C 215 -8.44 9.07 16.81
CA LEU C 215 -8.00 7.94 16.00
C LEU C 215 -8.03 8.23 14.50
N PRO C 216 -9.12 8.85 14.00
CA PRO C 216 -9.19 9.08 12.56
C PRO C 216 -8.00 9.88 12.02
N GLU C 217 -7.52 10.89 12.74
CA GLU C 217 -6.45 11.72 12.18
C GLU C 217 -5.09 11.04 12.37
N GLN C 218 -4.98 10.26 13.45
CA GLN C 218 -3.78 9.47 13.72
C GLN C 218 -3.54 8.39 12.68
N LEU C 219 -4.60 7.75 12.18
CA LEU C 219 -4.39 6.69 11.21
C LEU C 219 -4.30 7.26 9.80
N MET C 220 -5.02 8.34 9.55
CA MET C 220 -5.27 8.73 8.17
C MET C 220 -4.40 9.89 7.66
N HIS C 221 -3.84 10.70 8.56
CA HIS C 221 -2.99 11.80 8.11
C HIS C 221 -1.87 11.22 7.26
N GLY C 222 -1.57 11.91 6.16
CA GLY C 222 -0.60 11.45 5.19
C GLY C 222 -1.08 10.30 4.31
N ARG C 223 -2.25 9.76 4.63
CA ARG C 223 -2.63 8.47 4.06
C ARG C 223 -4.00 8.45 3.42
N MET C 224 -4.54 9.65 3.18
CA MET C 224 -5.87 9.76 2.59
C MET C 224 -5.94 9.20 1.16
N ARG C 225 -4.82 9.15 0.45
CA ARG C 225 -4.87 8.56 -0.88
C ARG C 225 -5.37 7.11 -0.84
N HIS C 226 -5.06 6.36 0.22
CA HIS C 226 -5.52 4.96 0.28
C HIS C 226 -7.01 4.87 0.58
N VAL C 227 -7.49 5.80 1.39
CA VAL C 227 -8.91 5.91 1.66
C VAL C 227 -9.60 6.19 0.34
N ILE C 228 -9.06 7.16 -0.42
CA ILE C 228 -9.61 7.51 -1.72
C ILE C 228 -9.60 6.31 -2.68
N ASP C 229 -8.51 5.55 -2.71
CA ASP C 229 -8.46 4.38 -3.60
C ASP C 229 -9.48 3.27 -3.18
N TRP C 230 -9.73 3.12 -1.88
CA TRP C 230 -10.71 2.10 -1.47
C TRP C 230 -12.12 2.49 -1.90
N LEU C 231 -12.52 3.73 -1.61
CA LEU C 231 -13.80 4.26 -2.04
C LEU C 231 -14.00 4.07 -3.54
N TYR C 232 -13.04 4.55 -4.34
CA TYR C 232 -13.15 4.40 -5.80
C TYR C 232 -13.18 2.93 -6.23
N ALA C 233 -12.37 2.09 -5.60
CA ALA C 233 -12.34 0.68 -5.95
C ALA C 233 -13.68 -0.01 -5.70
N ASN C 234 -14.45 0.52 -4.76
CA ASN C 234 -15.75 -0.08 -4.46
C ASN C 234 -16.90 0.72 -5.07
N SER C 235 -16.60 1.43 -6.14
CA SER C 235 -17.52 2.42 -6.65
C SER C 235 -17.54 2.52 -8.19
N LEU C 236 -16.39 2.85 -8.78
CA LEU C 236 -16.31 3.08 -10.22
C LEU C 236 -16.38 1.77 -10.98
N ALA C 237 -17.20 1.74 -12.03
CA ALA C 237 -17.20 0.64 -12.99
C ALA C 237 -15.82 0.57 -13.66
N ASP C 238 -15.24 1.73 -13.93
CA ASP C 238 -13.90 1.80 -14.48
C ASP C 238 -13.05 2.78 -13.64
N GLN C 239 -11.92 2.29 -13.12
CA GLN C 239 -11.02 3.09 -12.26
C GLN C 239 -10.40 4.28 -12.99
N SER C 240 -10.35 4.16 -14.31
CA SER C 240 -9.89 5.22 -15.18
C SER C 240 -10.80 6.48 -15.18
N LEU C 241 -12.02 6.36 -14.67
CA LEU C 241 -12.92 7.52 -14.57
C LEU C 241 -12.38 8.62 -13.66
N VAL C 242 -11.65 8.26 -12.60
CA VAL C 242 -10.94 9.27 -11.82
C VAL C 242 -9.44 8.97 -11.86
N GLY C 243 -8.66 9.87 -12.45
CA GLY C 243 -7.24 9.64 -12.64
C GLY C 243 -6.36 9.84 -11.42
N ASP C 244 -5.09 9.46 -11.55
CA ASP C 244 -4.12 9.54 -10.44
C ASP C 244 -3.91 10.98 -9.94
N LEU C 245 -3.80 11.94 -10.85
CA LEU C 245 -3.66 13.35 -10.43
C LEU C 245 -4.86 13.86 -9.62
N ASP C 246 -6.07 13.44 -9.99
CA ASP C 246 -7.27 13.89 -9.32
C ASP C 246 -7.34 13.31 -7.91
N ARG C 247 -7.07 12.03 -7.82
CA ARG C 247 -6.95 11.34 -6.54
C ARG C 247 -6.02 12.12 -5.59
N ASP C 248 -4.80 12.38 -6.06
CA ASP C 248 -3.80 13.10 -5.25
C ASP C 248 -4.25 14.51 -4.87
N ILE C 249 -5.10 15.09 -5.71
CA ILE C 249 -5.64 16.40 -5.42
C ILE C 249 -6.62 16.35 -4.24
N TYR C 250 -7.48 15.34 -4.21
CA TYR C 250 -8.32 15.10 -3.03
C TYR C 250 -7.49 14.77 -1.79
N ALA C 251 -6.44 13.95 -1.97
CA ALA C 251 -5.58 13.55 -0.85
C ALA C 251 -4.90 14.75 -0.22
N ASN C 252 -4.30 15.58 -1.06
CA ASN C 252 -3.61 16.76 -0.57
C ASN C 252 -4.55 17.63 0.26
N ALA C 253 -5.80 17.78 -0.20
CA ALA C 253 -6.80 18.53 0.57
C ALA C 253 -6.99 17.97 1.99
N TYR C 254 -7.09 16.65 2.10
CA TYR C 254 -7.43 16.03 3.38
C TYR C 254 -6.24 15.50 4.19
N ASN C 255 -5.03 15.49 3.62
CA ASN C 255 -3.94 14.74 4.27
C ASN C 255 -3.43 15.28 5.61
N SER C 256 -3.61 16.56 5.90
CA SER C 256 -3.21 17.07 7.22
C SER C 256 -4.11 16.50 8.32
N PRO C 257 -3.61 16.44 9.56
CA PRO C 257 -4.47 15.97 10.65
C PRO C 257 -5.71 16.85 10.86
N GLN C 258 -5.55 18.16 10.65
CA GLN C 258 -6.66 19.11 10.81
C GLN C 258 -7.69 18.84 9.74
N ALA C 259 -7.24 18.51 8.55
CA ALA C 259 -8.17 18.27 7.44
C ALA C 259 -8.95 16.99 7.70
N VAL C 260 -8.26 15.97 8.20
CA VAL C 260 -8.93 14.72 8.55
C VAL C 260 -9.93 14.99 9.65
N ARG C 261 -9.49 15.72 10.67
CA ARG C 261 -10.37 16.02 11.80
C ARG C 261 -11.64 16.75 11.33
N ALA C 262 -11.47 17.77 10.52
CA ALA C 262 -12.58 18.58 10.03
C ALA C 262 -13.58 17.70 9.30
N GLY C 263 -13.07 16.87 8.39
CA GLY C 263 -13.91 15.94 7.68
C GLY C 263 -14.77 15.08 8.58
N THR C 264 -14.24 14.63 9.71
CA THR C 264 -15.02 13.74 10.59
C THR C 264 -16.07 14.51 11.36
N ARG C 265 -15.91 15.83 11.48
CA ARG C 265 -16.92 16.65 12.17
C ARG C 265 -18.24 16.63 11.43
N TRP C 266 -18.18 16.55 10.11
CA TRP C 266 -19.38 16.49 9.27
C TRP C 266 -20.23 15.32 9.71
N TYR C 267 -19.57 14.19 9.91
CA TYR C 267 -20.22 12.94 10.24
C TYR C 267 -20.64 12.91 11.71
N GLN C 268 -19.86 13.57 12.57
CA GLN C 268 -20.14 13.57 13.99
C GLN C 268 -21.34 14.44 14.31
N ALA C 269 -21.61 15.43 13.47
CA ALA C 269 -22.76 16.30 13.67
C ALA C 269 -24.07 15.59 13.29
N CYS C 270 -24.02 14.29 13.02
CA CYS C 270 -25.18 13.61 12.47
C CYS C 270 -26.37 13.59 13.45
N HIS C 271 -26.10 13.39 14.74
CA HIS C 271 -27.17 13.36 15.72
C HIS C 271 -27.89 14.70 15.75
N GLN C 272 -27.14 15.78 15.63
CA GLN C 272 -27.71 17.11 15.65
C GLN C 272 -28.46 17.39 14.34
N ASP C 273 -27.93 16.90 13.23
CA ASP C 273 -28.58 16.99 11.93
C ASP C 273 -29.91 16.23 11.91
N ILE C 274 -29.91 15.03 12.50
CA ILE C 274 -31.11 14.22 12.62
C ILE C 274 -32.15 14.94 13.49
N THR C 275 -31.68 15.57 14.56
CA THR C 275 -32.53 16.40 15.40
C THR C 275 -33.16 17.58 14.60
N ASP C 276 -32.36 18.27 13.79
CA ASP C 276 -32.85 19.41 13.01
C ASP C 276 -33.89 18.98 11.96
N GLN C 277 -33.65 17.82 11.34
CA GLN C 277 -34.47 17.35 10.23
C GLN C 277 -35.93 17.10 10.67
N ALA C 278 -36.12 16.50 11.84
CA ALA C 278 -37.42 16.53 12.47
C ALA C 278 -37.61 17.97 12.95
N GLY C 279 -38.42 18.74 12.25
CA GLY C 279 -38.49 20.16 12.54
C GLY C 279 -38.56 20.98 11.26
N TYR C 280 -38.19 20.34 10.16
CA TYR C 280 -38.29 20.98 8.85
C TYR C 280 -39.67 20.74 8.27
N GLY C 281 -40.32 21.82 7.86
CA GLY C 281 -41.51 21.66 7.06
C GLY C 281 -41.14 21.21 5.65
N LYS C 282 -42.13 20.79 4.88
CA LYS C 282 -41.83 20.20 3.59
C LYS C 282 -41.26 21.23 2.59
N LEU C 283 -40.58 20.73 1.57
CA LEU C 283 -40.01 21.60 0.54
C LEU C 283 -41.06 21.96 -0.51
N THR C 284 -41.43 23.24 -0.52
CA THR C 284 -42.45 23.75 -1.42
C THR C 284 -41.94 23.83 -2.86
N MET C 285 -40.71 24.30 -3.01
CA MET C 285 -40.10 24.43 -4.33
C MET C 285 -39.83 23.09 -4.99
N PRO C 286 -39.55 23.13 -6.30
CA PRO C 286 -39.25 21.95 -7.11
C PRO C 286 -37.97 21.22 -6.63
N VAL C 287 -38.07 19.91 -6.51
CA VAL C 287 -36.96 19.11 -6.01
C VAL C 287 -36.56 17.99 -6.98
N LEU C 288 -35.27 17.88 -7.25
CA LEU C 288 -34.73 16.81 -8.10
C LEU C 288 -33.85 15.88 -7.25
N GLY C 289 -34.12 14.58 -7.28
CA GLY C 289 -33.25 13.61 -6.64
C GLY C 289 -32.64 12.75 -7.72
N ILE C 290 -31.32 12.83 -7.88
CA ILE C 290 -30.59 11.96 -8.80
C ILE C 290 -29.93 10.81 -8.03
N GLY C 291 -30.45 9.58 -8.21
CA GLY C 291 -29.97 8.44 -7.45
C GLY C 291 -29.26 7.34 -8.23
N GLY C 292 -28.04 7.03 -7.80
CA GLY C 292 -27.31 5.89 -8.33
C GLY C 292 -27.99 4.58 -7.99
N ASN C 293 -27.35 3.48 -8.39
CA ASN C 293 -27.99 2.18 -8.35
C ASN C 293 -28.35 1.67 -6.97
N PHE C 294 -27.53 2.02 -5.98
CA PHE C 294 -27.72 1.51 -4.63
C PHE C 294 -28.70 2.30 -3.78
N THR C 295 -28.83 3.60 -4.05
CA THR C 295 -29.58 4.50 -3.18
C THR C 295 -30.88 5.05 -3.75
N PHE C 296 -31.14 4.79 -5.02
CA PHE C 296 -32.29 5.37 -5.70
C PHE C 296 -33.60 5.24 -4.95
N GLU C 297 -33.93 4.03 -4.51
CA GLU C 297 -35.21 3.79 -3.85
C GLU C 297 -35.37 4.61 -2.58
N ASP C 298 -34.35 4.57 -1.72
CA ASP C 298 -34.38 5.31 -0.46
C ASP C 298 -34.48 6.81 -0.74
N LEU C 299 -33.66 7.29 -1.67
CA LEU C 299 -33.64 8.71 -2.00
C LEU C 299 -35.01 9.20 -2.45
N ARG C 300 -35.65 8.43 -3.33
CA ARG C 300 -36.99 8.75 -3.79
C ARG C 300 -37.98 8.72 -2.62
N ASN C 301 -37.94 7.61 -1.90
CA ASN C 301 -38.77 7.44 -0.73
C ASN C 301 -38.67 8.62 0.24
N LYS C 302 -37.45 9.08 0.49
CA LYS C 302 -37.26 10.10 1.50
C LYS C 302 -37.58 11.50 1.01
N LEU C 303 -37.25 11.82 -0.24
CA LEU C 303 -37.58 13.14 -0.80
C LEU C 303 -39.09 13.33 -0.96
N THR C 304 -39.80 12.26 -1.24
CA THR C 304 -41.23 12.40 -1.45
C THR C 304 -41.95 12.64 -0.13
N ALA C 305 -41.43 12.10 0.96
CA ALA C 305 -42.01 12.38 2.27
C ALA C 305 -41.60 13.76 2.79
N GLN C 306 -40.69 14.42 2.09
CA GLN C 306 -40.14 15.67 2.59
C GLN C 306 -40.37 16.87 1.65
N ALA C 307 -40.88 16.59 0.46
CA ALA C 307 -41.10 17.64 -0.54
C ALA C 307 -42.32 17.33 -1.39
N THR C 308 -43.11 18.34 -1.72
CA THR C 308 -44.35 18.10 -2.42
C THR C 308 -44.20 18.00 -3.95
N ASP C 309 -43.15 18.62 -4.51
CA ASP C 309 -42.93 18.58 -5.94
C ASP C 309 -41.57 17.94 -6.30
N VAL C 310 -41.61 16.63 -6.50
CA VAL C 310 -40.39 15.82 -6.60
C VAL C 310 -40.25 15.11 -7.94
N HIS C 311 -39.09 15.30 -8.55
CA HIS C 311 -38.72 14.56 -9.75
C HIS C 311 -37.49 13.71 -9.48
N MET C 312 -37.52 12.47 -9.96
CA MET C 312 -36.38 11.57 -9.80
C MET C 312 -35.73 11.19 -11.12
N VAL C 313 -34.40 11.27 -11.16
CA VAL C 313 -33.60 10.66 -12.23
C VAL C 313 -32.78 9.51 -11.66
N ARG C 314 -32.82 8.36 -12.31
CA ARG C 314 -31.97 7.26 -11.90
C ARG C 314 -30.68 7.29 -12.70
N ALA C 315 -29.57 7.00 -12.04
CA ALA C 315 -28.29 6.95 -12.72
C ALA C 315 -27.77 5.52 -12.62
N SER C 316 -28.32 4.65 -13.46
CA SER C 316 -27.73 3.33 -13.65
C SER C 316 -26.35 3.60 -14.22
N LYS C 317 -25.41 2.69 -14.01
CA LYS C 317 -24.00 2.93 -14.32
C LYS C 317 -23.28 3.72 -13.21
N SER C 318 -23.96 4.00 -12.11
CA SER C 318 -23.33 4.71 -11.00
C SER C 318 -23.65 4.15 -9.64
N VAL C 319 -22.63 4.09 -8.79
CA VAL C 319 -22.80 3.67 -7.40
C VAL C 319 -22.96 4.90 -6.52
N HIS C 320 -22.02 5.84 -6.61
CA HIS C 320 -22.04 6.97 -5.69
C HIS C 320 -21.50 8.28 -6.24
N TYR C 321 -20.42 8.20 -7.02
CA TYR C 321 -19.71 9.40 -7.45
C TYR C 321 -20.28 9.95 -8.75
N LEU C 322 -21.56 10.33 -8.69
CA LEU C 322 -22.32 10.75 -9.87
C LEU C 322 -21.61 11.78 -10.75
N PRO C 323 -21.14 12.89 -10.16
CA PRO C 323 -20.42 13.90 -10.96
C PRO C 323 -19.22 13.36 -11.75
N GLU C 324 -18.63 12.25 -11.31
CA GLU C 324 -17.45 11.70 -11.97
C GLU C 324 -17.79 10.44 -12.76
N GLU C 325 -18.69 9.64 -12.22
CA GLU C 325 -19.06 8.35 -12.82
C GLU C 325 -19.97 8.43 -14.04
N GLU C 326 -20.84 9.44 -14.08
CA GLU C 326 -21.82 9.63 -15.15
C GLU C 326 -22.07 11.10 -15.36
N PRO C 327 -21.04 11.83 -15.80
CA PRO C 327 -21.10 13.29 -15.84
C PRO C 327 -22.10 13.81 -16.88
N ASP C 328 -22.34 13.03 -17.93
CA ASP C 328 -23.27 13.49 -18.96
C ASP C 328 -24.71 13.31 -18.50
N VAL C 329 -25.03 12.16 -17.92
CA VAL C 329 -26.34 11.99 -17.32
C VAL C 329 -26.60 13.06 -16.26
N VAL C 330 -25.59 13.39 -15.47
CA VAL C 330 -25.73 14.42 -14.43
C VAL C 330 -25.91 15.81 -15.04
N ALA C 331 -25.02 16.22 -15.94
CA ALA C 331 -25.11 17.54 -16.58
C ALA C 331 -26.47 17.74 -17.26
N GLY C 332 -26.83 16.80 -18.12
CA GLY C 332 -28.11 16.80 -18.79
C GLY C 332 -29.32 16.89 -17.88
N ALA C 333 -29.35 16.12 -16.80
CA ALA C 333 -30.51 16.13 -15.89
C ALA C 333 -30.63 17.44 -15.11
N LEU C 334 -29.51 18.13 -14.91
CA LEU C 334 -29.50 19.41 -14.21
C LEU C 334 -29.88 20.54 -15.18
N LEU C 335 -29.47 20.41 -16.43
CA LEU C 335 -29.86 21.38 -17.45
C LEU C 335 -31.36 21.32 -17.62
N ASP C 336 -31.89 20.11 -17.81
CA ASP C 336 -33.32 19.90 -17.91
C ASP C 336 -34.11 20.37 -16.69
N PHE C 337 -33.70 19.93 -15.49
CA PHE C 337 -34.39 20.32 -14.27
C PHE C 337 -34.43 21.84 -14.10
N PHE C 338 -33.26 22.47 -14.04
CA PHE C 338 -33.23 23.94 -13.97
C PHE C 338 -33.74 24.51 -15.30
N GLY D 47 3.37 22.03 8.44
CA GLY D 47 4.17 20.96 7.87
C GLY D 47 3.85 19.59 8.45
N PRO D 48 3.97 18.54 7.61
CA PRO D 48 3.48 17.19 7.93
C PRO D 48 4.32 16.52 9.00
N VAL D 49 5.56 16.97 9.13
CA VAL D 49 6.46 16.54 10.18
C VAL D 49 7.01 17.80 10.84
N PRO D 50 7.61 17.65 12.04
CA PRO D 50 8.13 18.89 12.62
C PRO D 50 9.31 19.44 11.82
N SER D 51 9.58 20.74 11.98
CA SER D 51 10.73 21.36 11.32
C SER D 51 12.02 20.77 11.87
N ASP D 52 13.11 20.93 11.12
CA ASP D 52 14.42 20.52 11.60
C ASP D 52 14.78 21.31 12.85
N ARG D 53 14.29 22.54 12.88
CA ARG D 53 14.43 23.40 14.04
C ARG D 53 13.85 22.76 15.29
N GLU D 54 12.61 22.29 15.18
CA GLU D 54 11.95 21.62 16.30
C GLU D 54 12.59 20.27 16.59
N LEU D 55 12.93 19.54 15.55
CA LEU D 55 13.63 18.27 15.70
C LEU D 55 14.94 18.41 16.48
N ALA D 56 15.81 19.33 16.05
CA ALA D 56 17.08 19.56 16.74
C ALA D 56 16.88 19.80 18.23
N ARG D 57 15.94 20.67 18.58
CA ARG D 57 15.75 21.01 19.98
C ARG D 57 15.15 19.89 20.81
N SER D 58 14.49 18.94 20.15
CA SER D 58 13.96 17.76 20.83
C SER D 58 15.07 16.84 21.32
N LEU D 59 16.28 17.07 20.81
CA LEU D 59 17.42 16.23 21.14
C LEU D 59 18.14 16.69 22.38
N PRO D 60 18.38 15.74 23.30
CA PRO D 60 19.38 15.96 24.34
C PRO D 60 20.75 15.95 23.68
N GLY D 61 21.49 17.05 23.73
CA GLY D 61 21.04 18.26 24.37
C GLY D 61 21.84 19.42 23.79
N GLY D 62 21.18 20.54 23.54
CA GLY D 62 21.86 21.72 23.05
C GLY D 62 22.20 21.65 21.58
N PHE D 63 21.37 20.95 20.82
CA PHE D 63 21.55 20.94 19.38
C PHE D 63 20.75 22.04 18.73
N ARG D 64 21.30 22.63 17.67
CA ARG D 64 20.63 23.73 17.02
C ARG D 64 20.71 23.61 15.50
N SER D 65 19.55 23.74 14.87
CA SER D 65 19.43 23.66 13.42
C SER D 65 19.91 24.98 12.83
N ARG D 66 20.63 24.90 11.72
CA ARG D 66 21.29 26.08 11.18
C ARG D 66 21.52 25.97 9.67
N HIS D 67 21.89 27.08 9.05
CA HIS D 67 22.15 27.11 7.63
C HIS D 67 23.46 27.84 7.35
N ALA D 68 24.10 27.51 6.24
CA ALA D 68 25.32 28.19 5.82
C ALA D 68 25.43 28.12 4.31
N ARG D 69 25.72 29.24 3.66
CA ARG D 69 25.91 29.23 2.20
C ARG D 69 27.40 29.06 1.87
N VAL D 70 27.71 28.10 1.01
CA VAL D 70 29.09 27.87 0.57
C VAL D 70 29.16 27.53 -0.90
N GLY D 71 29.93 28.30 -1.65
CA GLY D 71 30.06 28.11 -3.09
C GLY D 71 28.74 28.24 -3.84
N GLY D 72 27.87 29.11 -3.36
CA GLY D 72 26.58 29.32 -4.01
C GLY D 72 25.50 28.36 -3.53
N VAL D 73 25.87 27.34 -2.76
CA VAL D 73 24.89 26.36 -2.28
C VAL D 73 24.65 26.45 -0.76
N ARG D 74 23.40 26.68 -0.40
CA ARG D 74 22.99 26.73 1.01
C ARG D 74 22.86 25.32 1.60
N LEU D 75 23.72 24.99 2.57
CA LEU D 75 23.67 23.70 3.26
C LEU D 75 22.97 23.79 4.63
N HIS D 76 22.18 22.77 4.97
CA HIS D 76 21.55 22.71 6.29
C HIS D 76 22.34 21.76 7.17
N TYR D 77 22.50 22.13 8.44
CA TYR D 77 23.15 21.22 9.37
C TYR D 77 22.67 21.47 10.79
N VAL D 78 22.96 20.52 11.66
CA VAL D 78 22.57 20.58 13.05
C VAL D 78 23.81 20.35 13.90
N SER D 79 24.02 21.21 14.88
CA SER D 79 25.26 21.14 15.65
C SER D 79 25.02 21.30 17.14
N GLY D 80 26.02 20.92 17.92
CA GLY D 80 25.93 20.99 19.35
C GLY D 80 27.01 20.15 19.97
N GLY D 81 27.11 20.18 21.30
CA GLY D 81 28.13 19.44 22.01
C GLY D 81 29.42 20.24 22.04
N HIS D 82 30.36 19.81 22.88
CA HIS D 82 31.60 20.56 23.02
C HIS D 82 32.85 19.67 22.92
N GLY D 83 33.84 20.16 22.18
CA GLY D 83 35.08 19.45 22.01
C GLY D 83 35.63 19.70 20.63
N GLU D 84 36.53 18.83 20.18
CA GLU D 84 37.03 18.87 18.82
C GLU D 84 35.88 18.58 17.85
N PRO D 85 35.92 19.18 16.64
CA PRO D 85 34.80 19.03 15.71
C PRO D 85 34.65 17.59 15.17
N LEU D 86 33.41 17.10 15.09
CA LEU D 86 33.11 15.79 14.49
C LEU D 86 31.98 15.89 13.47
N LEU D 87 32.31 15.58 12.22
CA LEU D 87 31.38 15.73 11.11
C LEU D 87 30.65 14.43 10.82
N LEU D 88 29.32 14.48 10.81
CA LEU D 88 28.50 13.31 10.51
C LEU D 88 27.74 13.50 9.19
N VAL D 89 27.93 12.55 8.29
CA VAL D 89 27.33 12.61 6.95
C VAL D 89 26.42 11.41 6.74
N PRO D 90 25.15 11.66 6.39
CA PRO D 90 24.17 10.59 6.17
C PRO D 90 24.05 10.27 4.68
N GLY D 91 23.22 9.29 4.33
CA GLY D 91 23.05 8.88 2.95
C GLY D 91 21.59 8.78 2.53
N TRP D 92 21.33 7.97 1.49
CA TRP D 92 20.01 7.85 0.88
C TRP D 92 19.21 6.67 1.45
N PRO D 93 17.89 6.85 1.66
CA PRO D 93 17.18 8.12 1.54
C PRO D 93 16.96 8.68 2.93
N GLN D 94 17.99 9.24 3.54
CA GLN D 94 17.90 9.72 4.90
C GLN D 94 18.33 11.16 4.99
N THR D 95 18.34 11.67 6.21
CA THR D 95 18.77 13.03 6.50
C THR D 95 19.64 12.93 7.73
N TRP D 96 20.13 14.08 8.19
CA TRP D 96 20.89 14.17 9.42
C TRP D 96 20.19 13.41 10.56
N TRP D 97 18.86 13.42 10.53
CA TRP D 97 18.03 12.82 11.57
C TRP D 97 18.37 11.34 11.77
N ALA D 98 19.07 10.77 10.79
CA ALA D 98 19.57 9.40 10.90
C ALA D 98 20.52 9.21 12.06
N TYR D 99 21.21 10.28 12.46
CA TYR D 99 22.15 10.24 13.58
C TYR D 99 21.53 10.61 14.94
N ARG D 100 20.21 10.77 14.98
CA ARG D 100 19.55 11.16 16.23
C ARG D 100 19.92 10.24 17.42
N LYS D 101 20.10 8.96 17.17
CA LYS D 101 20.35 8.02 18.25
C LYS D 101 21.76 8.15 18.87
N VAL D 102 22.75 8.57 18.07
CA VAL D 102 24.12 8.60 18.58
C VAL D 102 24.67 9.99 18.89
N MET D 103 24.10 11.03 18.28
CA MET D 103 24.55 12.41 18.44
C MET D 103 24.69 12.92 19.88
N PRO D 104 23.75 12.53 20.78
CA PRO D 104 23.85 12.84 22.21
C PRO D 104 25.16 12.36 22.86
N GLN D 105 25.39 11.05 22.87
CA GLN D 105 26.64 10.50 23.38
C GLN D 105 27.88 11.10 22.71
N LEU D 106 27.78 11.38 21.42
CA LEU D 106 28.90 11.98 20.70
C LEU D 106 29.07 13.45 21.03
N ALA D 107 27.97 14.12 21.40
CA ALA D 107 28.03 15.54 21.71
C ALA D 107 28.72 15.76 23.06
N ARG D 108 28.84 14.70 23.86
CA ARG D 108 29.54 14.80 25.14
C ARG D 108 31.04 15.04 24.98
N ARG D 109 31.61 14.53 23.89
CA ARG D 109 33.06 14.53 23.72
C ARG D 109 33.48 15.39 22.53
N TYR D 110 32.55 15.63 21.61
CA TYR D 110 32.87 16.36 20.40
C TYR D 110 31.86 17.43 20.08
N HIS D 111 32.31 18.46 19.38
CA HIS D 111 31.41 19.43 18.79
C HIS D 111 30.84 18.79 17.53
N VAL D 112 29.69 18.15 17.68
CA VAL D 112 29.03 17.45 16.58
C VAL D 112 28.45 18.38 15.52
N ILE D 113 28.72 18.06 14.27
CA ILE D 113 28.17 18.80 13.13
C ILE D 113 27.54 17.85 12.10
N ALA D 114 26.22 17.65 12.21
CA ALA D 114 25.50 16.72 11.35
C ALA D 114 24.90 17.43 10.15
N VAL D 115 25.42 17.14 8.95
CA VAL D 115 25.02 17.82 7.74
C VAL D 115 23.89 17.13 6.98
N ASP D 116 23.24 17.90 6.12
CA ASP D 116 22.47 17.36 5.02
C ASP D 116 23.31 17.66 3.79
N LEU D 117 23.78 16.64 3.08
CA LEU D 117 24.48 16.83 1.80
C LEU D 117 23.65 17.70 0.85
N ARG D 118 24.25 18.15 -0.24
CA ARG D 118 23.50 18.99 -1.16
C ARG D 118 22.47 18.13 -1.89
N GLY D 119 21.22 18.57 -1.89
CA GLY D 119 20.15 17.81 -2.50
C GLY D 119 19.47 16.97 -1.43
N MET D 120 19.98 17.03 -0.20
CA MET D 120 19.42 16.24 0.88
C MET D 120 18.60 17.11 1.84
N GLY D 121 17.33 16.76 2.01
CA GLY D 121 16.48 17.33 3.06
C GLY D 121 16.42 18.82 3.01
N GLY D 122 17.00 19.47 4.02
CA GLY D 122 16.96 20.93 4.13
C GLY D 122 17.98 21.73 3.33
N SER D 123 18.89 21.06 2.62
CA SER D 123 19.93 21.77 1.86
C SER D 123 19.43 22.14 0.48
N ASP D 124 20.12 23.06 -0.19
CA ASP D 124 19.74 23.46 -1.55
C ASP D 124 19.75 22.24 -2.46
N LYS D 125 18.96 22.28 -3.53
CA LYS D 125 18.93 21.15 -4.48
C LYS D 125 19.24 21.59 -5.90
N PRO D 126 20.49 22.02 -6.14
CA PRO D 126 20.98 22.58 -7.42
C PRO D 126 20.93 21.61 -8.59
N ALA D 127 21.13 22.13 -9.80
CA ALA D 127 21.05 21.30 -11.01
C ALA D 127 22.10 20.18 -11.05
N GLY D 128 23.32 20.47 -10.59
CA GLY D 128 24.41 19.51 -10.65
C GLY D 128 25.37 19.44 -9.47
N GLY D 129 26.53 18.83 -9.67
CA GLY D 129 27.54 18.73 -8.63
C GLY D 129 27.33 17.64 -7.58
N TYR D 130 26.76 16.50 -7.97
CA TYR D 130 26.45 15.44 -7.01
C TYR D 130 27.44 14.29 -6.98
N ASP D 131 28.51 14.40 -7.77
CA ASP D 131 29.64 13.50 -7.62
C ASP D 131 30.21 13.65 -6.19
N LYS D 132 30.78 12.57 -5.67
CA LYS D 132 31.20 12.54 -4.25
C LYS D 132 32.32 13.53 -3.92
N LYS D 133 33.17 13.82 -4.89
CA LYS D 133 34.25 14.77 -4.71
C LYS D 133 33.69 16.15 -4.44
N THR D 134 32.81 16.62 -5.33
CA THR D 134 32.24 17.96 -5.21
C THR D 134 31.50 18.14 -3.89
N MET D 135 30.84 17.09 -3.40
CA MET D 135 30.05 17.20 -2.19
C MET D 135 30.96 17.23 -0.98
N ALA D 136 32.11 16.58 -1.08
CA ALA D 136 33.10 16.67 -0.01
C ALA D 136 33.71 18.08 0.02
N ALA D 137 33.88 18.68 -1.15
CA ALA D 137 34.34 20.06 -1.25
C ALA D 137 33.38 21.01 -0.51
N ASP D 138 32.08 20.86 -0.74
CA ASP D 138 31.06 21.63 -0.03
C ASP D 138 31.29 21.52 1.47
N LEU D 139 31.48 20.29 1.95
CA LEU D 139 31.66 20.06 3.38
C LEU D 139 32.97 20.65 3.87
N HIS D 140 34.01 20.57 3.04
CA HIS D 140 35.28 21.26 3.30
C HIS D 140 35.05 22.76 3.61
N ALA D 141 34.51 23.47 2.63
CA ALA D 141 34.20 24.89 2.74
C ALA D 141 33.37 25.16 3.99
N LEU D 142 32.42 24.27 4.27
CA LEU D 142 31.54 24.45 5.42
C LEU D 142 32.31 24.38 6.74
N VAL D 143 33.16 23.37 6.87
CA VAL D 143 33.91 23.17 8.11
C VAL D 143 34.89 24.33 8.34
N ARG D 144 35.59 24.76 7.28
CA ARG D 144 36.53 25.89 7.39
C ARG D 144 35.80 27.20 7.64
N GLY D 145 34.66 27.38 7.01
CA GLY D 145 33.84 28.56 7.21
C GLY D 145 33.40 28.70 8.66
N LEU D 146 33.44 27.59 9.39
CA LEU D 146 33.06 27.55 10.80
C LEU D 146 34.28 27.55 11.73
N GLY D 147 35.46 27.76 11.16
CA GLY D 147 36.65 27.98 11.96
C GLY D 147 37.40 26.76 12.44
N HIS D 148 37.34 25.67 11.66
CA HIS D 148 38.15 24.47 11.94
C HIS D 148 39.05 24.15 10.75
N ARG D 149 40.34 23.98 11.02
CA ARG D 149 41.29 23.60 9.97
C ARG D 149 41.33 22.07 9.82
N GLN D 150 40.98 21.37 10.90
CA GLN D 150 40.95 19.90 10.95
C GLN D 150 39.70 19.35 11.64
N VAL D 151 39.08 18.33 11.04
CA VAL D 151 37.90 17.70 11.65
C VAL D 151 37.92 16.19 11.54
N ASN D 152 37.40 15.54 12.57
CA ASN D 152 37.02 14.12 12.51
C ASN D 152 35.84 13.93 11.57
N VAL D 153 35.89 12.92 10.73
CA VAL D 153 34.78 12.68 9.81
C VAL D 153 34.19 11.27 9.93
N ALA D 154 32.87 11.21 9.79
CA ALA D 154 32.14 9.96 9.84
C ALA D 154 30.97 10.03 8.86
N GLY D 155 30.94 9.10 7.91
CA GLY D 155 29.89 9.03 6.91
C GLY D 155 29.23 7.66 6.79
N HIS D 156 27.97 7.65 6.34
CA HIS D 156 27.18 6.43 6.17
C HIS D 156 26.51 6.40 4.80
N ASP D 157 26.53 5.24 4.14
CA ASP D 157 25.92 5.06 2.82
C ASP D 157 26.57 6.05 1.83
N ILE D 158 25.76 6.88 1.17
CA ILE D 158 26.25 7.89 0.25
C ILE D 158 27.19 8.83 1.00
N GLY D 159 26.82 9.13 2.25
CA GLY D 159 27.60 9.98 3.10
C GLY D 159 28.92 9.36 3.49
N SER D 160 29.02 8.04 3.39
CA SER D 160 30.27 7.35 3.62
C SER D 160 31.21 7.50 2.42
N MET D 161 30.64 7.52 1.21
CA MET D 161 31.42 7.75 0.02
C MET D 161 31.96 9.16 0.08
N VAL D 162 31.18 10.03 0.72
CA VAL D 162 31.56 11.43 0.77
C VAL D 162 32.59 11.64 1.84
N ALA D 163 32.55 10.82 2.89
CA ALA D 163 33.52 10.93 3.96
C ALA D 163 34.88 10.41 3.49
N PHE D 164 34.85 9.44 2.56
CA PHE D 164 36.07 8.92 1.96
C PHE D 164 36.67 9.93 0.98
N ALA D 165 35.85 10.57 0.16
CA ALA D 165 36.33 11.59 -0.78
C ALA D 165 36.81 12.86 -0.07
N PHE D 166 36.44 13.02 1.20
CA PHE D 166 36.88 14.14 2.03
C PHE D 166 38.32 13.89 2.51
N ALA D 167 38.59 12.67 2.98
CA ALA D 167 39.92 12.30 3.46
C ALA D 167 40.90 12.13 2.31
N ALA D 168 40.37 11.97 1.10
CA ALA D 168 41.18 11.76 -0.10
C ALA D 168 41.61 13.06 -0.71
N ASN D 169 40.71 14.04 -0.72
CA ASN D 169 40.98 15.33 -1.36
C ASN D 169 41.42 16.43 -0.41
N HIS D 170 41.22 16.22 0.90
CA HIS D 170 41.61 17.20 1.88
C HIS D 170 42.16 16.52 3.12
N PRO D 171 43.27 15.77 2.97
CA PRO D 171 43.89 15.02 4.06
C PRO D 171 44.36 15.93 5.20
N GLU D 172 44.71 17.16 4.84
CA GLU D 172 45.12 18.17 5.81
C GLU D 172 43.99 18.46 6.79
N ALA D 173 42.77 18.54 6.26
CA ALA D 173 41.59 18.88 7.07
C ALA D 173 40.92 17.66 7.69
N THR D 174 41.53 16.49 7.54
CA THR D 174 40.97 15.25 8.08
C THR D 174 41.85 14.70 9.18
N ARG D 175 41.38 14.76 10.42
CA ARG D 175 42.14 14.23 11.54
C ARG D 175 42.05 12.71 11.61
N LYS D 176 40.84 12.19 11.48
CA LYS D 176 40.59 10.75 11.42
C LYS D 176 39.31 10.55 10.60
N VAL D 177 39.18 9.40 9.95
CA VAL D 177 38.03 9.18 9.10
C VAL D 177 37.33 7.87 9.41
N ALA D 178 36.00 7.93 9.57
CA ALA D 178 35.21 6.72 9.83
C ALA D 178 34.19 6.48 8.72
N LEU D 179 34.27 5.28 8.11
CA LEU D 179 33.32 4.89 7.08
C LEU D 179 32.38 3.79 7.56
N LEU D 180 31.10 4.15 7.66
CA LEU D 180 30.04 3.26 8.10
C LEU D 180 29.41 2.50 6.92
N ASP D 181 29.72 1.21 6.83
CA ASP D 181 29.08 0.25 5.92
C ASP D 181 29.49 0.37 4.46
N THR D 182 29.49 1.58 3.93
CA THR D 182 29.50 1.72 2.49
C THR D 182 30.84 2.21 1.96
N PRO D 183 31.53 1.32 1.24
CA PRO D 183 32.75 1.65 0.52
C PRO D 183 32.49 2.65 -0.61
N HIS D 184 33.49 3.47 -0.91
CA HIS D 184 33.46 4.37 -2.07
C HIS D 184 33.32 3.56 -3.33
N PRO D 185 32.59 4.08 -4.33
CA PRO D 185 32.50 3.32 -5.59
C PRO D 185 33.87 3.04 -6.21
N ASP D 186 34.04 1.84 -6.77
CA ASP D 186 35.19 1.57 -7.63
C ASP D 186 34.76 0.68 -8.80
N GLN D 187 35.74 0.09 -9.47
CA GLN D 187 35.47 -0.77 -10.62
C GLN D 187 34.51 -1.93 -10.27
N SER D 188 34.41 -2.26 -8.98
CA SER D 188 33.59 -3.40 -8.54
C SER D 188 32.08 -3.12 -8.58
N GLU D 189 31.68 -1.87 -8.76
CA GLU D 189 30.25 -1.55 -8.89
C GLU D 189 29.65 -2.16 -10.15
N TYR D 190 30.51 -2.46 -11.13
CA TYR D 190 30.05 -2.96 -12.43
C TYR D 190 29.80 -4.44 -12.39
N GLU D 191 30.01 -5.03 -11.22
CA GLU D 191 29.87 -6.46 -10.99
C GLU D 191 28.55 -6.81 -10.33
N MET D 192 27.90 -5.79 -9.79
CA MET D 192 26.56 -5.95 -9.26
C MET D 192 25.64 -6.62 -10.27
N ARG D 193 25.01 -7.70 -9.84
CA ARG D 193 24.10 -8.41 -10.72
C ARG D 193 22.65 -7.98 -10.55
N ILE D 194 21.95 -7.86 -11.66
CA ILE D 194 20.49 -7.73 -11.64
C ILE D 194 19.81 -8.85 -10.82
N LEU D 195 20.34 -10.07 -10.89
CA LEU D 195 19.65 -11.21 -10.28
C LEU D 195 20.51 -12.02 -9.33
N CYS D 196 19.97 -12.29 -8.15
CA CYS D 196 20.64 -13.14 -7.18
C CYS D 196 19.94 -14.47 -7.10
N ARG D 197 20.73 -15.54 -7.22
CA ARG D 197 20.27 -16.89 -6.92
C ARG D 197 19.62 -16.88 -5.55
N PRO D 198 18.48 -17.58 -5.42
CA PRO D 198 17.52 -17.44 -4.33
C PRO D 198 18.08 -17.31 -2.91
N GLY D 199 19.05 -18.14 -2.54
CA GLY D 199 19.64 -18.01 -1.22
C GLY D 199 20.59 -16.83 -1.08
N THR D 200 21.30 -16.54 -2.17
CA THR D 200 22.53 -15.74 -2.20
C THR D 200 22.62 -14.41 -1.47
N GLY D 201 21.64 -13.53 -1.66
CA GLY D 201 21.72 -12.22 -1.06
C GLY D 201 20.60 -11.32 -1.49
N THR D 202 20.88 -10.04 -1.55
CA THR D 202 19.89 -9.08 -1.96
C THR D 202 20.45 -8.18 -3.05
N THR D 203 19.63 -7.94 -4.05
CA THR D 203 20.02 -7.09 -5.15
C THR D 203 19.78 -5.64 -4.80
N LEU D 204 20.76 -4.79 -5.12
CA LEU D 204 20.62 -3.35 -4.87
C LEU D 204 19.89 -2.68 -6.04
N TRP D 205 18.61 -3.04 -6.23
CA TRP D 205 17.82 -2.62 -7.38
C TRP D 205 17.85 -1.11 -7.61
N TRP D 206 17.92 -0.35 -6.51
CA TRP D 206 17.82 1.12 -6.62
C TRP D 206 19.04 1.74 -7.29
N TRP D 207 20.17 1.04 -7.27
CA TRP D 207 21.35 1.45 -8.04
C TRP D 207 21.03 1.49 -9.53
N ALA D 208 20.18 0.57 -10.00
CA ALA D 208 19.74 0.60 -11.40
C ALA D 208 18.64 1.65 -11.63
N PHE D 209 17.64 1.65 -10.76
CA PHE D 209 16.48 2.51 -10.91
C PHE D 209 16.88 3.97 -10.81
N ASN D 210 17.83 4.27 -9.94
CA ASN D 210 18.17 5.67 -9.73
C ASN D 210 19.04 6.25 -10.83
N GLN D 211 19.40 5.44 -11.81
CA GLN D 211 20.08 5.94 -13.00
C GLN D 211 19.13 6.62 -13.98
N LEU D 212 17.83 6.39 -13.83
CA LEU D 212 16.85 6.85 -14.81
C LEU D 212 16.48 8.34 -14.74
N GLN D 213 16.16 8.90 -15.91
CA GLN D 213 15.64 10.26 -16.01
C GLN D 213 14.12 10.26 -15.98
N ALA D 214 13.57 11.12 -15.12
CA ALA D 214 12.13 11.42 -15.07
C ALA D 214 11.28 10.34 -14.36
N LEU D 215 11.47 9.08 -14.74
CA LEU D 215 10.66 8.00 -14.19
C LEU D 215 10.71 7.92 -12.66
N PRO D 216 11.90 8.07 -12.05
CA PRO D 216 11.97 7.97 -10.59
C PRO D 216 11.09 8.97 -9.85
N GLU D 217 11.05 10.21 -10.33
CA GLU D 217 10.28 11.22 -9.61
C GLU D 217 8.82 11.01 -9.93
N GLN D 218 8.55 10.48 -11.11
CA GLN D 218 7.17 10.27 -11.51
C GLN D 218 6.51 9.17 -10.67
N LEU D 219 7.25 8.09 -10.37
CA LEU D 219 6.74 6.98 -9.57
C LEU D 219 6.85 7.22 -8.07
N MET D 220 7.91 7.91 -7.65
CA MET D 220 8.22 7.98 -6.22
C MET D 220 7.75 9.27 -5.52
N HIS D 221 7.41 10.32 -6.28
CA HIS D 221 7.02 11.56 -5.61
C HIS D 221 5.76 11.26 -4.82
N GLY D 222 5.70 11.78 -3.62
CA GLY D 222 4.62 11.49 -2.70
C GLY D 222 4.55 10.05 -2.18
N ARG D 223 5.49 9.19 -2.56
CA ARG D 223 5.39 7.77 -2.20
C ARG D 223 6.67 7.21 -1.58
N MET D 224 7.54 8.08 -1.10
CA MET D 224 8.84 7.64 -0.61
C MET D 224 8.69 6.82 0.67
N ARG D 225 7.59 7.01 1.40
CA ARG D 225 7.35 6.20 2.59
C ARG D 225 7.36 4.70 2.23
N HIS D 226 6.91 4.33 1.03
CA HIS D 226 6.91 2.92 0.67
C HIS D 226 8.32 2.40 0.41
N VAL D 227 9.15 3.24 -0.22
CA VAL D 227 10.56 2.91 -0.49
C VAL D 227 11.29 2.73 0.84
N ILE D 228 11.10 3.71 1.73
CA ILE D 228 11.68 3.64 3.05
C ILE D 228 11.21 2.38 3.80
N ASP D 229 9.92 2.07 3.71
CA ASP D 229 9.40 0.85 4.31
C ASP D 229 9.99 -0.40 3.65
N TRP D 230 10.21 -0.39 2.33
CA TRP D 230 10.84 -1.57 1.74
C TRP D 230 12.30 -1.75 2.21
N LEU D 231 13.07 -0.67 2.17
CA LEU D 231 14.46 -0.73 2.60
C LEU D 231 14.57 -1.19 4.06
N TYR D 232 13.67 -0.75 4.94
CA TYR D 232 13.72 -1.27 6.32
C TYR D 232 13.20 -2.71 6.48
N ALA D 233 12.31 -3.18 5.60
CA ALA D 233 11.81 -4.54 5.76
C ALA D 233 12.86 -5.55 5.32
N ASN D 234 13.87 -5.09 4.58
CA ASN D 234 14.96 -5.96 4.13
C ASN D 234 16.27 -5.63 4.84
N SER D 235 16.15 -5.06 6.02
CA SER D 235 17.32 -4.54 6.71
C SER D 235 17.26 -4.80 8.22
N LEU D 236 16.25 -4.24 8.88
CA LEU D 236 16.15 -4.29 10.33
C LEU D 236 15.72 -5.66 10.88
N ALA D 237 16.33 -6.05 11.99
CA ALA D 237 15.97 -7.25 12.73
C ALA D 237 14.66 -6.99 13.47
N ASP D 238 14.47 -5.73 13.84
CA ASP D 238 13.27 -5.30 14.55
C ASP D 238 12.77 -3.98 13.94
N GLN D 239 11.58 -4.01 13.36
CA GLN D 239 11.05 -2.86 12.62
C GLN D 239 10.87 -1.64 13.50
N SER D 240 10.57 -1.87 14.77
CA SER D 240 10.36 -0.76 15.69
C SER D 240 11.65 -0.04 16.05
N LEU D 241 12.76 -0.44 15.43
CA LEU D 241 14.02 0.27 15.61
C LEU D 241 13.94 1.64 14.98
N VAL D 242 13.06 1.78 14.00
CA VAL D 242 12.79 3.07 13.35
C VAL D 242 11.27 3.30 13.25
N GLY D 243 10.75 4.10 14.17
CA GLY D 243 9.32 4.25 14.33
C GLY D 243 8.64 4.96 13.18
N ASP D 244 7.31 4.94 13.20
CA ASP D 244 6.50 5.51 12.16
C ASP D 244 6.86 6.97 11.84
N LEU D 245 7.04 7.78 12.89
CA LEU D 245 7.32 9.21 12.73
C LEU D 245 8.67 9.47 12.09
N ASP D 246 9.68 8.73 12.52
CA ASP D 246 11.01 8.86 11.94
C ASP D 246 10.98 8.52 10.46
N ARG D 247 10.24 7.48 10.09
CA ARG D 247 10.11 7.12 8.67
C ARG D 247 9.46 8.24 7.88
N ASP D 248 8.49 8.91 8.49
CA ASP D 248 7.77 10.02 7.84
C ASP D 248 8.65 11.25 7.69
N ILE D 249 9.48 11.51 8.69
CA ILE D 249 10.48 12.56 8.57
C ILE D 249 11.35 12.36 7.31
N TYR D 250 11.79 11.13 7.03
CA TYR D 250 12.61 10.87 5.84
C TYR D 250 11.76 11.03 4.60
N ALA D 251 10.56 10.44 4.60
CA ALA D 251 9.69 10.52 3.42
C ALA D 251 9.36 11.98 3.06
N ASN D 252 9.16 12.81 4.07
CA ASN D 252 8.82 14.20 3.79
C ASN D 252 9.99 14.91 3.12
N ALA D 253 11.20 14.62 3.57
CA ALA D 253 12.40 15.18 2.94
C ALA D 253 12.52 14.84 1.46
N TYR D 254 12.01 13.68 1.06
CA TYR D 254 12.23 13.15 -0.28
C TYR D 254 10.97 13.13 -1.14
N ASN D 255 9.83 13.52 -0.57
CA ASN D 255 8.57 13.30 -1.29
C ASN D 255 8.34 14.17 -2.53
N SER D 256 8.85 15.39 -2.55
CA SER D 256 8.66 16.25 -3.72
C SER D 256 9.47 15.68 -4.90
N PRO D 257 9.00 15.95 -6.13
CA PRO D 257 9.72 15.50 -7.34
C PRO D 257 11.16 16.00 -7.43
N GLN D 258 11.45 17.24 -7.02
CA GLN D 258 12.83 17.73 -7.09
C GLN D 258 13.71 17.06 -6.02
N ALA D 259 13.09 16.65 -4.92
CA ALA D 259 13.81 15.96 -3.88
C ALA D 259 14.14 14.54 -4.31
N VAL D 260 13.22 13.90 -5.02
CA VAL D 260 13.52 12.54 -5.48
C VAL D 260 14.62 12.59 -6.55
N ARG D 261 14.51 13.55 -7.47
CA ARG D 261 15.48 13.68 -8.57
C ARG D 261 16.91 13.92 -8.07
N ALA D 262 17.05 14.80 -7.08
CA ALA D 262 18.36 15.11 -6.51
C ALA D 262 18.99 13.83 -5.92
N GLY D 263 18.23 13.09 -5.12
CA GLY D 263 18.67 11.83 -4.57
C GLY D 263 19.27 10.95 -5.67
N THR D 264 18.61 10.90 -6.83
CA THR D 264 19.05 10.06 -7.92
C THR D 264 20.38 10.53 -8.50
N ARG D 265 20.57 11.84 -8.53
CA ARG D 265 21.82 12.42 -9.02
C ARG D 265 23.02 11.82 -8.30
N TRP D 266 22.88 11.56 -7.01
CA TRP D 266 23.90 10.90 -6.22
C TRP D 266 24.34 9.60 -6.84
N TYR D 267 23.39 8.86 -7.40
CA TYR D 267 23.69 7.54 -7.99
C TYR D 267 24.13 7.66 -9.43
N GLN D 268 23.61 8.65 -10.15
CA GLN D 268 23.99 8.88 -11.55
C GLN D 268 25.43 9.36 -11.71
N ALA D 269 26.05 9.80 -10.62
CA ALA D 269 27.43 10.26 -10.65
C ALA D 269 28.35 9.11 -10.26
N CYS D 270 27.82 7.89 -10.29
CA CYS D 270 28.58 6.68 -10.01
C CYS D 270 29.80 6.53 -10.91
N HIS D 271 29.63 6.78 -12.21
CA HIS D 271 30.71 6.62 -13.17
C HIS D 271 31.86 7.55 -12.86
N GLN D 272 31.54 8.84 -12.80
CA GLN D 272 32.47 9.87 -12.35
C GLN D 272 33.17 9.48 -11.04
N ASP D 273 32.39 9.09 -10.04
CA ASP D 273 32.94 8.72 -8.74
C ASP D 273 33.97 7.60 -8.89
N ILE D 274 33.75 6.72 -9.88
CA ILE D 274 34.61 5.57 -10.12
C ILE D 274 35.89 6.00 -10.84
N THR D 275 35.75 6.84 -11.86
CA THR D 275 36.88 7.52 -12.47
C THR D 275 37.75 8.17 -11.38
N ASP D 276 37.13 9.00 -10.55
CA ASP D 276 37.86 9.79 -9.54
C ASP D 276 38.57 8.91 -8.51
N GLN D 277 38.01 7.74 -8.24
CA GLN D 277 38.56 6.88 -7.20
C GLN D 277 39.89 6.32 -7.66
N ALA D 278 39.96 5.83 -8.89
CA ALA D 278 41.27 5.52 -9.47
C ALA D 278 42.00 6.85 -9.73
N GLY D 279 42.99 7.15 -8.91
CA GLY D 279 43.64 8.45 -8.96
C GLY D 279 44.00 8.86 -7.54
N TYR D 280 43.10 8.52 -6.62
CA TYR D 280 43.34 8.76 -5.20
C TYR D 280 44.53 7.94 -4.69
N GLY D 281 45.43 8.58 -3.99
CA GLY D 281 46.51 7.86 -3.33
C GLY D 281 45.99 7.25 -2.05
N LYS D 282 46.81 6.44 -1.40
CA LYS D 282 46.41 5.83 -0.14
C LYS D 282 46.20 6.89 0.96
N LEU D 283 45.33 6.58 1.91
CA LEU D 283 45.07 7.47 3.03
C LEU D 283 46.11 7.24 4.11
N THR D 284 46.72 8.33 4.59
CA THR D 284 47.75 8.22 5.62
C THR D 284 47.18 8.27 7.06
N MET D 285 46.20 9.15 7.25
CA MET D 285 45.50 9.32 8.51
C MET D 285 44.63 8.12 8.86
N PRO D 286 44.45 7.86 10.16
CA PRO D 286 43.76 6.68 10.73
C PRO D 286 42.37 6.47 10.16
N VAL D 287 42.07 5.27 9.68
CA VAL D 287 40.78 5.01 9.06
C VAL D 287 39.98 3.97 9.83
N LEU D 288 38.70 4.28 10.05
CA LEU D 288 37.78 3.35 10.72
C LEU D 288 36.74 2.90 9.73
N GLY D 289 36.58 1.59 9.61
CA GLY D 289 35.52 1.00 8.82
C GLY D 289 34.64 0.19 9.76
N ILE D 290 33.37 0.58 9.87
CA ILE D 290 32.40 -0.26 10.56
C ILE D 290 31.51 -0.92 9.52
N GLY D 291 31.50 -2.24 9.50
CA GLY D 291 30.72 -2.97 8.52
C GLY D 291 29.66 -3.82 9.18
N GLY D 292 28.49 -3.90 8.54
CA GLY D 292 27.46 -4.81 8.99
C GLY D 292 27.76 -6.21 8.46
N ASN D 293 26.84 -7.14 8.70
CA ASN D 293 27.00 -8.53 8.25
C ASN D 293 27.07 -8.68 6.75
N PHE D 294 26.47 -7.75 6.03
CA PHE D 294 26.35 -7.83 4.58
C PHE D 294 27.64 -7.35 3.88
N THR D 295 28.29 -6.34 4.46
CA THR D 295 29.34 -5.62 3.76
C THR D 295 30.69 -5.61 4.45
N PHE D 296 30.81 -6.28 5.59
CA PHE D 296 32.02 -6.20 6.40
C PHE D 296 33.30 -6.59 5.67
N GLU D 297 33.32 -7.73 5.00
CA GLU D 297 34.61 -8.19 4.47
C GLU D 297 34.94 -7.56 3.12
N ASP D 298 33.91 -7.15 2.40
CA ASP D 298 34.13 -6.35 1.19
C ASP D 298 34.67 -4.99 1.61
N LEU D 299 34.10 -4.45 2.67
CA LEU D 299 34.55 -3.16 3.20
C LEU D 299 35.99 -3.24 3.72
N ARG D 300 36.33 -4.35 4.36
CA ARG D 300 37.68 -4.54 4.90
C ARG D 300 38.71 -4.73 3.79
N ASN D 301 38.34 -5.49 2.78
CA ASN D 301 39.20 -5.68 1.63
C ASN D 301 39.57 -4.37 0.98
N LYS D 302 38.56 -3.55 0.67
CA LYS D 302 38.82 -2.32 -0.08
C LYS D 302 39.57 -1.27 0.76
N LEU D 303 39.16 -1.09 2.00
CA LEU D 303 39.80 -0.12 2.89
C LEU D 303 41.28 -0.44 3.12
N THR D 304 41.61 -1.70 3.35
CA THR D 304 43.02 -2.08 3.60
C THR D 304 43.86 -1.94 2.33
N ALA D 305 43.20 -1.85 1.17
CA ALA D 305 43.88 -1.67 -0.09
C ALA D 305 43.99 -0.19 -0.44
N GLN D 306 43.31 0.65 0.34
CA GLN D 306 43.25 2.07 0.02
C GLN D 306 43.75 2.93 1.17
N ALA D 307 44.10 2.29 2.27
CA ALA D 307 44.61 2.98 3.46
C ALA D 307 45.71 2.14 4.13
N THR D 308 46.70 2.82 4.72
CA THR D 308 47.81 2.13 5.39
C THR D 308 47.54 1.89 6.88
N ASP D 309 46.71 2.76 7.48
CA ASP D 309 46.38 2.67 8.90
C ASP D 309 44.87 2.45 9.11
N VAL D 310 44.44 1.19 9.01
CA VAL D 310 43.02 0.86 9.05
C VAL D 310 42.60 0.04 10.26
N HIS D 311 41.42 0.35 10.78
CA HIS D 311 40.82 -0.45 11.86
C HIS D 311 39.40 -0.86 11.45
N MET D 312 39.07 -2.13 11.70
CA MET D 312 37.76 -2.64 11.33
C MET D 312 36.95 -3.04 12.54
N VAL D 313 35.68 -2.65 12.56
CA VAL D 313 34.75 -3.12 13.58
C VAL D 313 33.54 -3.73 12.89
N ARG D 314 33.04 -4.84 13.44
CA ARG D 314 31.92 -5.55 12.83
C ARG D 314 30.63 -5.32 13.63
N ALA D 315 29.68 -4.62 13.02
CA ALA D 315 28.36 -4.45 13.63
C ALA D 315 27.59 -5.73 13.41
N SER D 316 27.74 -6.65 14.35
CA SER D 316 27.30 -8.03 14.13
C SER D 316 25.78 -8.20 14.08
N LYS D 317 25.02 -7.18 14.47
CA LYS D 317 23.57 -7.30 14.50
C LYS D 317 22.84 -6.39 13.49
N SER D 318 23.60 -5.79 12.56
CA SER D 318 23.09 -4.80 11.61
C SER D 318 23.21 -5.22 10.16
N VAL D 319 22.25 -4.85 9.32
CA VAL D 319 22.39 -5.13 7.89
C VAL D 319 22.92 -3.91 7.11
N HIS D 320 22.51 -2.71 7.51
CA HIS D 320 22.95 -1.55 6.74
C HIS D 320 22.91 -0.23 7.49
N TYR D 321 21.86 -0.04 8.28
CA TYR D 321 21.58 1.28 8.85
C TYR D 321 22.18 1.42 10.23
N LEU D 322 23.51 1.36 10.30
CA LEU D 322 24.24 1.19 11.56
C LEU D 322 23.90 2.19 12.67
N PRO D 323 23.74 3.49 12.33
CA PRO D 323 23.37 4.48 13.34
C PRO D 323 22.02 4.18 13.98
N GLU D 324 21.11 3.58 13.22
CA GLU D 324 19.79 3.29 13.71
C GLU D 324 19.71 1.86 14.24
N GLU D 325 20.50 0.97 13.67
CA GLU D 325 20.40 -0.44 13.99
C GLU D 325 21.20 -0.80 15.23
N GLU D 326 22.33 -0.17 15.41
CA GLU D 326 23.19 -0.43 16.57
C GLU D 326 23.90 0.85 17.00
N PRO D 327 23.13 1.78 17.58
CA PRO D 327 23.68 3.08 17.96
C PRO D 327 24.71 2.91 19.07
N ASP D 328 24.39 2.01 19.99
CA ASP D 328 25.31 1.48 20.98
C ASP D 328 26.74 1.23 20.47
N VAL D 329 26.88 0.26 19.56
CA VAL D 329 28.17 -0.09 18.96
C VAL D 329 28.80 1.07 18.18
N VAL D 330 28.03 1.68 17.28
CA VAL D 330 28.54 2.80 16.49
C VAL D 330 29.11 3.92 17.35
N ALA D 331 28.31 4.40 18.30
CA ALA D 331 28.71 5.50 19.20
C ALA D 331 30.01 5.19 19.94
N GLY D 332 30.05 4.01 20.54
CA GLY D 332 31.23 3.53 21.21
C GLY D 332 32.43 3.43 20.28
N ALA D 333 32.22 2.88 19.09
CA ALA D 333 33.33 2.68 18.16
C ALA D 333 33.96 4.04 17.80
N LEU D 334 33.13 4.99 17.45
CA LEU D 334 33.59 6.33 17.09
C LEU D 334 34.23 7.07 18.27
N LEU D 335 33.77 6.79 19.48
CA LEU D 335 34.40 7.39 20.66
C LEU D 335 35.83 6.87 20.85
N ASP D 336 35.97 5.54 20.87
CA ASP D 336 37.27 4.88 20.96
C ASP D 336 38.22 5.33 19.84
N PHE D 337 37.69 5.40 18.62
CA PHE D 337 38.52 5.66 17.47
C PHE D 337 39.03 7.09 17.51
N PHE D 338 38.15 8.00 17.89
CA PHE D 338 38.46 9.41 17.87
C PHE D 338 39.12 9.86 19.16
C1 MLT E . 0.54 6.77 -1.10
O1 MLT E . 0.47 7.80 -1.85
O2 MLT E . 0.61 5.63 -1.64
C2 MLT E . 0.50 6.93 0.43
O3 MLT E . 0.94 8.18 0.85
C3 MLT E . 1.43 5.95 1.09
C4 MLT E . 1.58 6.06 2.60
O4 MLT E . 1.17 5.10 3.34
O5 MLT E . 2.14 7.08 3.11
H2 MLT E . -0.40 6.78 0.75
HO3 MLT E . 0.74 8.29 1.71
H31 MLT E . 1.10 5.04 0.88
H32 MLT E . 2.31 6.04 0.69
#